data_8QEV
#
_entry.id   8QEV
#
_cell.length_a   89.247
_cell.length_b   154.601
_cell.length_c   191.768
_cell.angle_alpha   90.00
_cell.angle_beta   90.00
_cell.angle_gamma   90.00
#
_symmetry.space_group_name_H-M   'C 2 2 21'
#
loop_
_entity.id
_entity.type
_entity.pdbx_description
1 polymer 'Ornithine transcarbamylase, chloroplastic'
2 non-polymer 'PHOSPHORIC ACID MONO(FORMAMIDE)ESTER'
3 non-polymer 1,2-ETHANEDIOL
4 non-polymer 'TRIETHYLENE GLYCOL'
5 non-polymer DI(HYDROXYETHYL)ETHER
6 non-polymer 'SULFATE ION'
7 non-polymer 'SODIUM ION'
8 water water
#
_entity_poly.entity_id   1
_entity_poly.type   'polypeptide(L)'
_entity_poly.pdbx_seq_one_letter_code
;SNASSVTSPSSPSDVKGKSDLKDFLAIDDFDTATIKTILDKASEVKALLKSGERNYLPFKGKSMSMIFAKPSMRTRVSFE
TGFFLLGGHALYLGPNDIQMGKREETRDVARVLSRYNDIIMARVFAHQDILDLANYSSVPVVNGLTDHNHPCQIMADALT
MIEHIGQVEGTKVVYVGDGNNMVHSWLELASVIPFHFVCACPKGYEPDKERVSKAKQAGLSKIEITNDPKEAVIGADVVY
SDVWASMGQKDEAEARRKAFQGFQVDEALMKLAGQKAYFMHCLPAERGVEVTNGVVEAPYSIVFPQAENRMHAQNAIMLH
LLGF
;
_entity_poly.pdbx_strand_id   A,B,C
#
loop_
_chem_comp.id
_chem_comp.type
_chem_comp.name
_chem_comp.formula
CP non-polymer 'PHOSPHORIC ACID MONO(FORMAMIDE)ESTER' 'C H4 N O5 P'
EDO non-polymer 1,2-ETHANEDIOL 'C2 H6 O2'
NA non-polymer 'SODIUM ION' 'Na 1'
PEG non-polymer DI(HYDROXYETHYL)ETHER 'C4 H10 O3'
PGE non-polymer 'TRIETHYLENE GLYCOL' 'C6 H14 O4'
SO4 non-polymer 'SULFATE ION' 'O4 S -2'
#
# COMPACT_ATOMS: atom_id res chain seq x y z
N LEU A 21 -20.21 11.78 20.40
CA LEU A 21 -20.08 11.90 18.93
C LEU A 21 -19.16 10.79 18.42
N LYS A 22 -19.70 9.91 17.58
CA LYS A 22 -18.95 8.78 17.12
C LYS A 22 -17.77 9.21 16.22
N ASP A 23 -17.99 10.25 15.39
CA ASP A 23 -17.15 10.52 14.22
C ASP A 23 -16.37 11.82 14.41
N PHE A 24 -15.34 12.06 13.58
CA PHE A 24 -14.74 13.40 13.58
C PHE A 24 -14.82 13.94 12.16
N LEU A 25 -15.94 14.60 11.83
CA LEU A 25 -16.20 15.08 10.49
C LEU A 25 -16.01 16.59 10.29
N ALA A 26 -16.12 17.32 11.37
CA ALA A 26 -16.08 18.79 11.33
C ALA A 26 -15.76 19.24 12.75
N ILE A 27 -14.94 20.28 12.98
CA ILE A 27 -14.49 20.53 14.34
C ILE A 27 -15.67 20.96 15.25
N ASP A 28 -16.64 21.75 14.73
CA ASP A 28 -17.71 22.26 15.56
C ASP A 28 -18.87 21.30 15.64
N ASP A 29 -18.65 20.04 15.27
CA ASP A 29 -19.56 19.01 15.73
C ASP A 29 -19.31 18.66 17.19
N PHE A 30 -18.23 19.19 17.77
CA PHE A 30 -17.87 19.05 19.17
C PHE A 30 -18.02 20.38 19.88
N ASP A 31 -18.08 20.33 21.20
CA ASP A 31 -18.09 21.58 21.95
C ASP A 31 -16.68 22.06 22.30
N THR A 32 -16.64 23.28 22.86
CA THR A 32 -15.36 23.95 23.15
C THR A 32 -14.49 23.11 24.09
N ALA A 33 -15.10 22.66 25.16
CA ALA A 33 -14.41 21.86 26.15
C ALA A 33 -13.80 20.59 25.55
N THR A 34 -14.50 19.89 24.64
CA THR A 34 -14.02 18.64 24.09
C THR A 34 -12.81 18.93 23.20
N ILE A 35 -12.92 19.94 22.34
CA ILE A 35 -11.85 20.35 21.44
C ILE A 35 -10.61 20.68 22.26
N LYS A 36 -10.77 21.44 23.34
CA LYS A 36 -9.57 21.82 24.11
C LYS A 36 -8.98 20.60 24.82
N THR A 37 -9.83 19.69 25.29
CA THR A 37 -9.35 18.44 25.88
C THR A 37 -8.54 17.63 24.86
N ILE A 38 -9.00 17.62 23.62
CA ILE A 38 -8.29 16.84 22.61
C ILE A 38 -6.93 17.54 22.32
N LEU A 39 -6.92 18.87 22.24
CA LEU A 39 -5.66 19.56 21.99
C LEU A 39 -4.71 19.41 23.17
N ASP A 40 -5.21 19.33 24.39
CA ASP A 40 -4.33 19.04 25.55
C ASP A 40 -3.74 17.62 25.42
N LYS A 41 -4.60 16.66 25.05
CA LYS A 41 -4.13 15.26 24.94
C LYS A 41 -3.06 15.22 23.83
N ALA A 42 -3.27 16.02 22.80
CA ALA A 42 -2.33 16.02 21.66
C ALA A 42 -0.93 16.39 22.18
N SER A 43 -0.89 17.37 23.08
CA SER A 43 0.41 17.80 23.60
C SER A 43 1.04 16.71 24.47
N GLU A 44 0.20 16.00 25.26
CA GLU A 44 0.68 14.97 26.15
C GLU A 44 1.29 13.81 25.37
N VAL A 45 0.57 13.31 24.37
CA VAL A 45 1.03 12.12 23.68
C VAL A 45 2.26 12.47 22.82
N LYS A 46 2.26 13.69 22.25
CA LYS A 46 3.41 14.19 21.50
C LYS A 46 4.63 14.21 22.42
N ALA A 47 4.47 14.71 23.65
CA ALA A 47 5.58 14.70 24.58
C ALA A 47 6.08 13.29 24.88
N LEU A 48 5.15 12.37 25.09
CA LEU A 48 5.48 10.98 25.32
CA LEU A 48 5.51 10.98 25.35
C LEU A 48 6.32 10.46 24.16
N LEU A 49 5.86 10.54 22.93
CA LEU A 49 6.67 10.05 21.82
C LEU A 49 7.99 10.81 21.71
N LYS A 50 8.06 12.10 21.97
CA LYS A 50 9.29 12.85 21.80
C LYS A 50 10.39 12.42 22.78
N SER A 51 9.93 11.96 23.94
CA SER A 51 10.75 11.40 24.98
C SER A 51 11.38 10.08 24.55
N GLY A 52 10.89 9.49 23.45
CA GLY A 52 11.39 8.19 23.02
C GLY A 52 10.56 7.01 23.55
N GLU A 53 9.42 7.22 24.22
CA GLU A 53 8.58 6.12 24.66
C GLU A 53 8.02 5.41 23.44
N ARG A 54 8.26 4.08 23.34
CA ARG A 54 7.59 3.31 22.32
C ARG A 54 6.79 2.20 22.95
N ASN A 55 6.52 2.26 24.25
CA ASN A 55 5.75 1.16 24.92
C ASN A 55 4.38 1.66 25.39
N TYR A 56 3.87 2.73 24.81
CA TYR A 56 2.48 3.11 25.05
C TYR A 56 1.69 2.72 23.80
N LEU A 57 0.98 1.59 23.87
CA LEU A 57 0.43 0.99 22.65
C LEU A 57 -1.08 0.73 22.80
N PRO A 58 -1.89 1.81 23.00
CA PRO A 58 -3.33 1.68 23.22
C PRO A 58 -4.09 1.01 22.08
N PHE A 59 -3.53 1.03 20.87
CA PHE A 59 -4.20 0.48 19.71
C PHE A 59 -3.69 -0.91 19.30
N LYS A 60 -2.98 -1.57 20.21
CA LYS A 60 -2.66 -2.97 20.00
C LYS A 60 -3.92 -3.77 19.64
N GLY A 61 -3.83 -4.54 18.53
CA GLY A 61 -4.95 -5.38 18.12
C GLY A 61 -6.05 -4.61 17.38
N LYS A 62 -5.83 -3.34 17.04
CA LYS A 62 -6.83 -2.55 16.33
C LYS A 62 -6.32 -2.21 14.94
N SER A 63 -7.25 -2.11 13.99
CA SER A 63 -6.99 -1.77 12.61
C SER A 63 -7.79 -0.57 12.14
N MET A 64 -7.27 0.14 11.15
CA MET A 64 -7.89 1.32 10.54
C MET A 64 -7.81 1.15 9.03
N SER A 65 -8.91 1.21 8.29
CA SER A 65 -8.88 1.35 6.87
C SER A 65 -8.85 2.83 6.51
N MET A 66 -7.89 3.24 5.67
CA MET A 66 -7.76 4.58 5.19
C MET A 66 -8.11 4.61 3.71
N ILE A 67 -9.25 5.24 3.38
CA ILE A 67 -9.74 5.33 2.05
C ILE A 67 -9.30 6.65 1.46
N PHE A 68 -8.48 6.59 0.40
CA PHE A 68 -7.98 7.79 -0.23
C PHE A 68 -8.46 7.87 -1.67
N ALA A 69 -9.30 8.85 -2.01
CA ALA A 69 -9.74 9.05 -3.40
C ALA A 69 -8.76 9.92 -4.16
N LYS A 70 -7.81 10.51 -3.41
CA LYS A 70 -6.88 11.48 -4.02
C LYS A 70 -5.47 11.27 -3.48
N PRO A 71 -4.45 11.83 -4.17
CA PRO A 71 -3.10 11.78 -3.63
C PRO A 71 -2.95 12.43 -2.24
N SER A 72 -1.93 12.02 -1.48
CA SER A 72 -1.66 12.57 -0.16
C SER A 72 -0.27 12.17 0.31
N MET A 73 0.45 13.13 0.88
CA MET A 73 1.62 12.76 1.65
CA MET A 73 1.63 12.79 1.65
C MET A 73 1.37 13.01 3.14
N ARG A 74 1.00 14.22 3.54
CA ARG A 74 0.89 14.49 4.99
C ARG A 74 -0.21 13.63 5.62
N THR A 75 -1.41 13.63 5.03
CA THR A 75 -2.52 12.95 5.67
C THR A 75 -2.19 11.44 5.72
N ARG A 76 -1.69 10.94 4.60
CA ARG A 76 -1.38 9.48 4.51
C ARG A 76 -0.29 9.08 5.51
N VAL A 77 0.82 9.80 5.55
CA VAL A 77 1.94 9.33 6.34
C VAL A 77 1.68 9.57 7.81
N SER A 78 1.06 10.73 8.13
CA SER A 78 0.73 11.02 9.51
C SER A 78 -0.22 9.99 10.13
N PHE A 79 -1.27 9.62 9.42
CA PHE A 79 -2.23 8.65 9.96
C PHE A 79 -1.62 7.24 10.03
N GLU A 80 -0.91 6.85 8.99
CA GLU A 80 -0.38 5.48 8.98
C GLU A 80 0.73 5.34 10.04
N THR A 81 1.62 6.34 10.11
CA THR A 81 2.67 6.33 11.12
C THR A 81 2.14 6.46 12.53
N GLY A 82 1.17 7.37 12.73
CA GLY A 82 0.64 7.54 14.06
C GLY A 82 -0.03 6.28 14.61
N PHE A 83 -0.81 5.65 13.75
CA PHE A 83 -1.54 4.45 14.16
C PHE A 83 -0.51 3.39 14.54
N PHE A 84 0.55 3.29 13.73
CA PHE A 84 1.62 2.35 14.04
C PHE A 84 2.25 2.63 15.39
N LEU A 85 2.53 3.92 15.66
CA LEU A 85 3.27 4.25 16.86
C LEU A 85 2.39 3.97 18.08
N LEU A 86 1.07 3.95 17.92
CA LEU A 86 0.21 3.67 19.05
C LEU A 86 -0.23 2.21 19.08
N GLY A 87 0.34 1.36 18.19
CA GLY A 87 0.17 -0.07 18.37
C GLY A 87 -0.75 -0.77 17.37
N GLY A 88 -1.32 -0.03 16.42
CA GLY A 88 -2.26 -0.62 15.49
C GLY A 88 -1.71 -0.79 14.08
N HIS A 89 -2.56 -1.24 13.15
CA HIS A 89 -2.23 -1.34 11.74
C HIS A 89 -3.26 -0.57 10.92
N ALA A 90 -2.79 0.37 10.12
CA ALA A 90 -3.56 1.08 9.14
C ALA A 90 -3.35 0.51 7.75
N LEU A 91 -4.47 0.32 7.05
CA LEU A 91 -4.49 -0.17 5.67
C LEU A 91 -4.62 1.00 4.72
N TYR A 92 -3.82 1.03 3.66
CA TYR A 92 -3.91 2.10 2.68
C TYR A 92 -4.71 1.62 1.47
N LEU A 93 -5.95 2.14 1.33
CA LEU A 93 -6.80 1.83 0.20
C LEU A 93 -6.72 3.04 -0.71
N GLY A 94 -5.90 2.92 -1.75
CA GLY A 94 -5.68 3.98 -2.71
C GLY A 94 -6.85 4.17 -3.68
N PRO A 95 -6.80 5.22 -4.52
CA PRO A 95 -7.89 5.64 -5.39
C PRO A 95 -8.50 4.52 -6.24
N ASN A 96 -7.64 3.62 -6.74
CA ASN A 96 -8.15 2.55 -7.61
C ASN A 96 -8.39 1.25 -6.87
N ASP A 97 -8.20 1.20 -5.56
CA ASP A 97 -8.33 -0.05 -4.81
C ASP A 97 -9.78 -0.44 -4.56
N ILE A 98 -10.62 0.46 -4.06
CA ILE A 98 -12.02 0.12 -3.78
C ILE A 98 -13.01 1.02 -4.49
N GLN A 99 -12.58 2.26 -4.84
CA GLN A 99 -13.33 3.12 -5.74
C GLN A 99 -14.73 3.39 -5.14
N MET A 100 -14.72 3.85 -3.90
CA MET A 100 -15.94 4.09 -3.15
C MET A 100 -16.82 5.08 -3.93
N GLY A 101 -18.11 4.70 -4.13
CA GLY A 101 -19.02 5.54 -4.89
C GLY A 101 -19.09 5.21 -6.40
N LYS A 102 -18.16 4.39 -6.91
CA LYS A 102 -18.16 4.05 -8.32
C LYS A 102 -18.25 2.53 -8.47
N ARG A 103 -17.23 1.79 -8.00
CA ARG A 103 -17.30 0.33 -8.05
C ARG A 103 -18.41 -0.20 -7.13
N GLU A 104 -18.71 0.57 -6.10
CA GLU A 104 -19.48 0.14 -4.96
C GLU A 104 -20.02 1.35 -4.20
N GLU A 105 -21.27 1.26 -3.77
CA GLU A 105 -21.87 2.36 -3.05
C GLU A 105 -21.27 2.49 -1.65
N THR A 106 -21.23 3.75 -1.18
CA THR A 106 -20.62 4.08 0.06
C THR A 106 -21.29 3.37 1.24
N ARG A 107 -22.60 3.27 1.24
CA ARG A 107 -23.24 2.54 2.32
C ARG A 107 -22.78 1.08 2.42
N ASP A 108 -22.45 0.46 1.31
CA ASP A 108 -21.96 -0.92 1.31
C ASP A 108 -20.50 -1.01 1.79
N VAL A 109 -19.62 -0.12 1.30
CA VAL A 109 -18.28 -0.01 1.86
C VAL A 109 -18.34 0.20 3.38
N ALA A 110 -19.17 1.14 3.85
CA ALA A 110 -19.22 1.40 5.28
C ALA A 110 -19.55 0.15 6.08
N ARG A 111 -20.51 -0.65 5.59
CA ARG A 111 -21.00 -1.77 6.37
C ARG A 111 -20.00 -2.95 6.33
N VAL A 112 -19.26 -3.07 5.23
CA VAL A 112 -18.22 -4.09 5.16
C VAL A 112 -17.02 -3.71 6.03
N LEU A 113 -16.48 -2.51 5.85
CA LEU A 113 -15.25 -2.15 6.55
C LEU A 113 -15.47 -2.06 8.06
N SER A 114 -16.70 -1.72 8.48
CA SER A 114 -17.00 -1.69 9.93
C SER A 114 -16.98 -3.09 10.56
N ARG A 115 -17.11 -4.14 9.72
CA ARG A 115 -17.01 -5.51 10.28
C ARG A 115 -15.56 -6.04 10.24
N TYR A 116 -14.68 -5.42 9.45
CA TYR A 116 -13.27 -5.82 9.50
C TYR A 116 -12.46 -5.01 10.48
N ASN A 117 -12.71 -3.70 10.46
CA ASN A 117 -11.80 -2.77 11.19
C ASN A 117 -12.44 -2.04 12.37
N ASP A 118 -11.64 -1.24 13.06
CA ASP A 118 -12.07 -0.56 14.27
C ASP A 118 -12.34 0.94 14.07
N ILE A 119 -11.95 1.49 12.93
CA ILE A 119 -11.98 2.92 12.64
C ILE A 119 -11.70 3.06 11.16
N ILE A 120 -12.32 4.06 10.54
CA ILE A 120 -12.14 4.33 9.12
C ILE A 120 -11.75 5.80 8.98
N MET A 121 -10.72 6.06 8.16
CA MET A 121 -10.34 7.42 7.76
C MET A 121 -10.74 7.53 6.30
N ALA A 122 -11.23 8.68 5.84
CA ALA A 122 -11.55 8.82 4.44
C ALA A 122 -11.27 10.23 3.93
N ARG A 123 -10.61 10.26 2.76
CA ARG A 123 -10.39 11.51 2.00
C ARG A 123 -11.21 11.31 0.72
N VAL A 124 -12.20 12.17 0.46
CA VAL A 124 -13.12 12.05 -0.66
C VAL A 124 -13.28 13.37 -1.39
N PHE A 125 -14.11 13.35 -2.43
CA PHE A 125 -14.55 14.53 -3.15
C PHE A 125 -15.77 15.11 -2.41
N ALA A 126 -16.96 14.67 -2.81
CA ALA A 126 -18.18 15.24 -2.27
C ALA A 126 -18.25 14.93 -0.77
N HIS A 127 -18.54 15.99 0.01
CA HIS A 127 -18.70 15.88 1.44
C HIS A 127 -19.75 14.83 1.80
N GLN A 128 -20.84 14.79 1.03
CA GLN A 128 -21.89 13.83 1.32
C GLN A 128 -21.35 12.40 1.37
N ASP A 129 -20.28 12.12 0.61
CA ASP A 129 -19.69 10.80 0.65
C ASP A 129 -19.18 10.45 2.05
N ILE A 130 -18.50 11.40 2.72
CA ILE A 130 -18.08 11.13 4.07
C ILE A 130 -19.26 11.12 5.04
N LEU A 131 -20.31 11.89 4.80
CA LEU A 131 -21.49 11.80 5.66
C LEU A 131 -22.09 10.39 5.50
N ASP A 132 -22.23 9.95 4.26
CA ASP A 132 -22.79 8.62 4.00
C ASP A 132 -21.98 7.55 4.75
N LEU A 133 -20.66 7.62 4.60
CA LEU A 133 -19.76 6.67 5.21
C LEU A 133 -19.99 6.64 6.71
N ALA A 134 -20.06 7.83 7.34
CA ALA A 134 -20.24 7.86 8.80
C ALA A 134 -21.60 7.31 9.21
N ASN A 135 -22.63 7.68 8.44
CA ASN A 135 -24.01 7.30 8.72
CA ASN A 135 -24.00 7.29 8.75
C ASN A 135 -24.18 5.78 8.71
N TYR A 136 -23.46 5.10 7.81
CA TYR A 136 -23.65 3.67 7.63
C TYR A 136 -22.58 2.86 8.36
N SER A 137 -21.58 3.47 8.99
CA SER A 137 -20.51 2.78 9.70
CA SER A 137 -20.52 2.77 9.70
C SER A 137 -20.85 2.66 11.18
N SER A 138 -20.61 1.48 11.74
CA SER A 138 -20.78 1.25 13.15
C SER A 138 -19.52 1.64 13.94
N VAL A 139 -18.42 1.90 13.23
CA VAL A 139 -17.20 2.37 13.87
C VAL A 139 -16.96 3.85 13.56
N PRO A 140 -16.06 4.51 14.30
CA PRO A 140 -15.80 5.90 14.05
C PRO A 140 -15.22 6.10 12.66
N VAL A 141 -15.67 7.18 12.04
CA VAL A 141 -15.12 7.73 10.81
C VAL A 141 -14.41 9.07 11.08
N VAL A 142 -13.18 9.15 10.53
CA VAL A 142 -12.39 10.38 10.61
CA VAL A 142 -12.41 10.39 10.62
C VAL A 142 -12.22 10.95 9.22
N ASN A 143 -12.45 12.27 9.09
CA ASN A 143 -12.33 13.01 7.85
C ASN A 143 -10.86 13.34 7.59
N GLY A 144 -10.34 12.96 6.43
CA GLY A 144 -8.97 13.27 6.00
C GLY A 144 -8.90 14.18 4.79
N LEU A 145 -9.98 14.95 4.58
CA LEU A 145 -10.17 16.05 3.63
C LEU A 145 -11.38 15.68 2.76
N THR A 146 -12.30 16.64 2.58
CA THR A 146 -13.33 16.56 1.55
C THR A 146 -13.31 17.87 0.76
N ASP A 147 -14.14 17.97 -0.29
CA ASP A 147 -14.33 19.18 -1.05
C ASP A 147 -14.81 20.28 -0.13
N HIS A 148 -15.47 19.93 0.97
CA HIS A 148 -16.03 20.93 1.89
C HIS A 148 -15.03 21.41 2.96
N ASN A 149 -14.27 20.49 3.57
CA ASN A 149 -13.52 20.86 4.76
C ASN A 149 -12.32 19.94 4.99
N HIS A 150 -11.56 20.26 6.05
CA HIS A 150 -10.29 19.55 6.37
C HIS A 150 -10.06 19.72 7.87
N PRO A 151 -10.91 19.12 8.72
CA PRO A 151 -10.84 19.41 10.14
C PRO A 151 -9.58 18.99 10.87
N CYS A 152 -8.97 17.86 10.42
CA CYS A 152 -7.78 17.44 11.13
C CYS A 152 -6.60 18.36 10.83
N GLN A 153 -6.60 19.00 9.66
CA GLN A 153 -5.55 19.96 9.38
C GLN A 153 -5.65 21.16 10.33
N ILE A 154 -6.88 21.62 10.60
CA ILE A 154 -7.00 22.82 11.44
C ILE A 154 -6.73 22.48 12.90
N MET A 155 -7.14 21.28 13.33
CA MET A 155 -6.75 20.78 14.64
C MET A 155 -5.24 20.82 14.82
N ALA A 156 -4.49 20.32 13.84
CA ALA A 156 -3.04 20.42 13.88
C ALA A 156 -2.59 21.89 13.95
N ASP A 157 -3.22 22.75 13.13
CA ASP A 157 -2.83 24.18 13.05
C ASP A 157 -3.05 24.84 14.42
N ALA A 158 -4.17 24.52 15.08
CA ALA A 158 -4.44 25.03 16.41
C ALA A 158 -3.36 24.60 17.40
N LEU A 159 -3.00 23.30 17.40
CA LEU A 159 -1.92 22.84 18.24
C LEU A 159 -0.64 23.64 17.94
N THR A 160 -0.36 23.88 16.65
CA THR A 160 0.84 24.60 16.25
C THR A 160 0.79 26.03 16.80
N MET A 161 -0.38 26.65 16.75
CA MET A 161 -0.51 28.01 17.27
C MET A 161 -0.29 28.01 18.79
N ILE A 162 -0.89 27.07 19.52
CA ILE A 162 -0.73 26.99 20.97
C ILE A 162 0.77 26.91 21.28
N GLU A 163 1.50 26.10 20.53
CA GLU A 163 2.93 25.90 20.82
C GLU A 163 3.77 27.14 20.50
N HIS A 164 3.41 27.90 19.45
CA HIS A 164 4.25 29.01 19.01
C HIS A 164 3.83 30.33 19.61
N ILE A 165 2.53 30.60 19.64
CA ILE A 165 1.97 31.88 20.09
C ILE A 165 1.64 31.79 21.58
N GLY A 166 1.03 30.65 21.99
CA GLY A 166 0.74 30.26 23.35
C GLY A 166 -0.71 29.81 23.51
N GLN A 167 -1.52 30.25 22.57
CA GLN A 167 -2.97 29.96 22.59
C GLN A 167 -3.59 30.41 21.28
N VAL A 168 -4.80 29.94 20.99
CA VAL A 168 -5.58 30.38 19.84
C VAL A 168 -6.51 31.52 20.24
N GLU A 169 -6.96 31.51 21.47
CA GLU A 169 -7.90 32.56 21.93
C GLU A 169 -7.34 33.98 21.75
N GLY A 170 -8.08 34.82 21.04
CA GLY A 170 -7.76 36.24 21.00
C GLY A 170 -6.68 36.61 19.99
N THR A 171 -6.33 35.64 19.13
CA THR A 171 -5.37 35.85 18.06
C THR A 171 -6.12 36.41 16.86
N LYS A 172 -5.36 36.85 15.86
CA LYS A 172 -5.88 37.27 14.58
C LYS A 172 -5.29 36.34 13.53
N VAL A 173 -6.13 35.52 12.90
CA VAL A 173 -5.70 34.63 11.84
C VAL A 173 -6.24 35.18 10.52
N VAL A 174 -5.38 35.34 9.52
CA VAL A 174 -5.73 35.92 8.24
C VAL A 174 -5.34 34.93 7.14
N TYR A 175 -6.36 34.32 6.54
CA TYR A 175 -6.19 33.44 5.40
C TYR A 175 -6.24 34.26 4.12
N VAL A 176 -5.28 34.04 3.25
CA VAL A 176 -5.20 34.76 2.01
C VAL A 176 -5.23 33.76 0.87
N GLY A 177 -6.26 33.83 0.00
CA GLY A 177 -6.38 32.90 -1.10
C GLY A 177 -7.86 32.53 -1.33
N ASP A 178 -8.10 31.29 -1.75
CA ASP A 178 -9.39 30.83 -2.20
C ASP A 178 -10.24 30.46 -1.00
N GLY A 179 -11.52 30.81 -1.04
CA GLY A 179 -12.46 30.49 0.03
C GLY A 179 -12.93 29.04 -0.08
N ASN A 180 -12.15 28.13 0.48
CA ASN A 180 -12.14 26.72 0.09
C ASN A 180 -12.31 25.88 1.35
N ASN A 181 -11.98 24.57 1.24
CA ASN A 181 -12.11 23.69 2.39
C ASN A 181 -11.28 24.07 3.62
N MET A 182 -10.09 24.62 3.44
CA MET A 182 -9.33 25.09 4.60
C MET A 182 -10.08 26.22 5.31
N VAL A 183 -10.58 27.19 4.54
CA VAL A 183 -11.37 28.28 5.13
C VAL A 183 -12.58 27.77 5.90
N HIS A 184 -13.24 26.73 5.35
CA HIS A 184 -14.36 26.11 6.01
C HIS A 184 -13.99 25.58 7.39
N SER A 185 -12.87 24.86 7.51
CA SER A 185 -12.46 24.38 8.81
C SER A 185 -11.88 25.46 9.74
N TRP A 186 -11.30 26.56 9.22
CA TRP A 186 -10.99 27.70 10.08
C TRP A 186 -12.26 28.25 10.73
N LEU A 187 -13.32 28.33 9.93
CA LEU A 187 -14.63 28.80 10.42
C LEU A 187 -15.20 27.83 11.46
N GLU A 188 -14.95 26.53 11.25
CA GLU A 188 -15.34 25.55 12.24
C GLU A 188 -14.64 25.87 13.56
N LEU A 189 -13.33 26.08 13.52
CA LEU A 189 -12.60 26.34 14.75
C LEU A 189 -13.06 27.64 15.40
N ALA A 190 -13.34 28.64 14.57
CA ALA A 190 -13.81 29.95 15.09
C ALA A 190 -15.18 29.82 15.77
N SER A 191 -15.88 28.70 15.52
CA SER A 191 -17.17 28.41 16.12
C SER A 191 -17.02 27.83 17.51
N VAL A 192 -15.82 27.39 17.93
CA VAL A 192 -15.63 26.81 19.25
C VAL A 192 -14.52 27.49 20.07
N ILE A 193 -13.65 28.30 19.42
CA ILE A 193 -12.68 29.11 20.14
C ILE A 193 -12.86 30.57 19.71
N PRO A 194 -12.86 31.56 20.65
CA PRO A 194 -13.05 32.97 20.30
C PRO A 194 -11.74 33.60 19.83
N PHE A 195 -11.65 33.89 18.53
CA PHE A 195 -10.53 34.61 17.94
C PHE A 195 -11.10 35.43 16.78
N HIS A 196 -10.18 36.09 16.12
CA HIS A 196 -10.50 36.94 14.99
C HIS A 196 -9.96 36.22 13.75
N PHE A 197 -10.89 35.81 12.89
CA PHE A 197 -10.59 35.13 11.64
C PHE A 197 -11.02 36.01 10.48
N VAL A 198 -10.08 36.20 9.55
CA VAL A 198 -10.33 36.92 8.32
C VAL A 198 -9.96 36.03 7.11
N CYS A 199 -10.89 36.03 6.12
CA CYS A 199 -10.67 35.43 4.80
C CYS A 199 -10.57 36.53 3.74
N ALA A 200 -9.35 36.78 3.29
CA ALA A 200 -9.07 37.69 2.19
C ALA A 200 -8.96 36.89 0.90
N CYS A 201 -9.99 37.03 0.04
CA CYS A 201 -10.16 36.19 -1.13
C CYS A 201 -10.66 37.04 -2.28
N PRO A 202 -10.35 36.65 -3.53
CA PRO A 202 -10.80 37.38 -4.70
C PRO A 202 -12.31 37.32 -4.79
N LYS A 203 -12.88 38.40 -5.30
CA LYS A 203 -14.31 38.48 -5.51
C LYS A 203 -14.72 37.28 -6.35
N GLY A 204 -15.80 36.63 -5.94
CA GLY A 204 -16.30 35.45 -6.61
C GLY A 204 -15.75 34.14 -6.04
N TYR A 205 -14.69 34.19 -5.23
CA TYR A 205 -14.10 32.99 -4.65
C TYR A 205 -14.25 32.96 -3.13
N GLU A 206 -15.34 33.51 -2.63
CA GLU A 206 -15.63 33.53 -1.21
C GLU A 206 -16.04 32.16 -0.70
N PRO A 207 -15.87 31.89 0.62
CA PRO A 207 -16.31 30.66 1.24
C PRO A 207 -17.85 30.60 1.27
N ASP A 208 -18.37 29.43 1.61
CA ASP A 208 -19.80 29.23 1.57
C ASP A 208 -20.48 30.14 2.58
N LYS A 209 -21.49 30.89 2.12
CA LYS A 209 -22.24 31.77 2.99
C LYS A 209 -22.73 31.01 4.22
N GLU A 210 -23.28 29.80 4.03
CA GLU A 210 -23.87 29.09 5.14
C GLU A 210 -22.83 28.79 6.22
N ARG A 211 -21.61 28.50 5.81
CA ARG A 211 -20.54 28.13 6.73
C ARG A 211 -20.10 29.35 7.52
N VAL A 212 -20.02 30.49 6.86
CA VAL A 212 -19.73 31.77 7.52
C VAL A 212 -20.82 32.09 8.53
N SER A 213 -22.07 32.01 8.13
CA SER A 213 -23.15 32.29 9.03
C SER A 213 -23.15 31.33 10.23
N LYS A 214 -22.78 30.07 10.03
CA LYS A 214 -22.83 29.14 11.16
C LYS A 214 -21.79 29.56 12.21
N ALA A 215 -20.64 30.04 11.79
CA ALA A 215 -19.62 30.51 12.71
C ALA A 215 -20.11 31.74 13.49
N LYS A 216 -20.75 32.68 12.82
CA LYS A 216 -21.32 33.87 13.43
C LYS A 216 -22.40 33.46 14.43
N GLN A 217 -23.14 32.39 14.15
CA GLN A 217 -24.21 31.94 15.03
C GLN A 217 -23.64 31.58 16.40
N ALA A 218 -22.44 31.01 16.44
CA ALA A 218 -21.81 30.58 17.68
C ALA A 218 -21.45 31.81 18.54
N GLY A 219 -21.24 32.97 17.92
CA GLY A 219 -21.07 34.23 18.65
C GLY A 219 -19.72 34.37 19.39
N LEU A 220 -18.70 33.58 19.07
CA LEU A 220 -17.46 33.59 19.85
C LEU A 220 -16.43 34.49 19.17
N SER A 221 -16.46 34.46 17.83
CA SER A 221 -15.36 34.97 17.04
C SER A 221 -15.80 36.13 16.16
N LYS A 222 -14.88 37.04 15.89
CA LYS A 222 -15.04 38.05 14.87
C LYS A 222 -14.63 37.48 13.53
N ILE A 223 -15.59 37.49 12.59
CA ILE A 223 -15.44 36.83 11.30
CA ILE A 223 -15.40 36.84 11.31
C ILE A 223 -15.57 37.88 10.21
N GLU A 224 -14.56 38.03 9.36
CA GLU A 224 -14.57 39.01 8.29
C GLU A 224 -14.15 38.35 6.98
N ILE A 225 -14.92 38.67 5.93
CA ILE A 225 -14.63 38.24 4.58
C ILE A 225 -14.30 39.52 3.81
N THR A 226 -13.12 39.58 3.18
CA THR A 226 -12.71 40.77 2.47
C THR A 226 -11.99 40.39 1.17
N ASN A 227 -11.89 41.35 0.24
CA ASN A 227 -11.20 41.14 -1.02
C ASN A 227 -9.89 41.92 -1.04
N ASP A 228 -9.47 42.48 0.11
CA ASP A 228 -8.31 43.34 0.20
C ASP A 228 -7.29 42.73 1.17
N PRO A 229 -6.36 41.88 0.66
CA PRO A 229 -5.36 41.24 1.52
C PRO A 229 -4.31 42.14 2.19
N LYS A 230 -3.91 43.21 1.49
CA LYS A 230 -2.93 44.15 2.06
CA LYS A 230 -2.91 44.18 2.06
C LYS A 230 -3.36 44.89 3.37
N GLU A 231 -4.69 45.03 3.41
CA GLU A 231 -5.29 45.60 4.63
C GLU A 231 -5.58 44.51 5.65
N ALA A 232 -6.01 43.34 5.15
CA ALA A 232 -6.47 42.30 6.06
C ALA A 232 -5.36 41.86 7.01
N VAL A 233 -4.13 41.67 6.47
CA VAL A 233 -3.04 41.03 7.19
C VAL A 233 -2.50 41.88 8.34
N ILE A 234 -2.86 43.16 8.39
CA ILE A 234 -2.25 44.07 9.36
C ILE A 234 -2.53 43.58 10.77
N GLY A 235 -1.46 43.34 11.53
CA GLY A 235 -1.60 42.89 12.92
C GLY A 235 -1.80 41.40 13.12
N ALA A 236 -1.67 40.59 12.06
CA ALA A 236 -1.97 39.17 12.16
C ALA A 236 -0.96 38.44 13.06
N ASP A 237 -1.46 37.48 13.81
CA ASP A 237 -0.66 36.45 14.42
C ASP A 237 -0.30 35.38 13.39
N VAL A 238 -1.19 35.15 12.40
CA VAL A 238 -1.03 34.09 11.40
C VAL A 238 -1.48 34.60 10.04
N VAL A 239 -0.56 34.47 9.06
CA VAL A 239 -0.93 34.60 7.68
C VAL A 239 -0.92 33.20 7.08
N TYR A 240 -2.07 32.79 6.57
CA TYR A 240 -2.20 31.39 6.07
C TYR A 240 -2.48 31.38 4.61
N SER A 241 -1.88 30.39 3.92
CA SER A 241 -2.19 30.25 2.52
C SER A 241 -2.37 28.76 2.18
N ASP A 242 -2.83 28.50 0.95
CA ASP A 242 -2.97 27.17 0.39
C ASP A 242 -2.98 27.28 -1.13
N VAL A 243 -2.93 26.16 -1.88
CA VAL A 243 -3.00 26.28 -3.33
C VAL A 243 -4.33 26.86 -3.79
N TRP A 244 -4.26 27.65 -4.88
CA TRP A 244 -5.39 28.39 -5.42
C TRP A 244 -6.31 27.46 -6.20
N ALA A 245 -5.69 26.45 -6.84
CA ALA A 245 -6.36 25.43 -7.63
C ALA A 245 -5.70 24.07 -7.36
N ALA A 253 -7.86 27.35 -15.27
CA ALA A 253 -7.12 27.64 -14.03
C ALA A 253 -6.08 28.71 -14.31
N GLU A 254 -5.91 29.07 -15.58
CA GLU A 254 -5.00 30.19 -15.90
C GLU A 254 -5.93 31.39 -15.63
N ALA A 255 -7.25 31.17 -15.69
CA ALA A 255 -8.25 32.21 -15.34
C ALA A 255 -8.14 32.49 -13.84
N ARG A 256 -8.01 31.45 -13.04
CA ARG A 256 -7.78 31.59 -11.60
C ARG A 256 -6.49 32.35 -11.33
N ARG A 257 -5.41 31.96 -12.03
CA ARG A 257 -4.15 32.67 -11.85
C ARG A 257 -4.42 34.16 -12.09
N LYS A 258 -5.29 34.46 -13.09
CA LYS A 258 -5.59 35.84 -13.43
C LYS A 258 -6.44 36.49 -12.33
N ALA A 259 -7.48 35.78 -11.83
CA ALA A 259 -8.34 36.27 -10.72
C ALA A 259 -7.59 36.53 -9.39
N PHE A 260 -6.52 35.75 -9.13
CA PHE A 260 -5.84 35.80 -7.86
C PHE A 260 -4.60 36.70 -7.88
N GLN A 261 -4.43 37.46 -8.96
CA GLN A 261 -3.31 38.43 -9.00
C GLN A 261 -3.59 39.41 -7.86
N GLY A 262 -2.60 39.58 -6.99
CA GLY A 262 -2.71 40.42 -5.82
C GLY A 262 -2.87 39.60 -4.55
N PHE A 263 -3.08 38.28 -4.67
CA PHE A 263 -3.27 37.42 -3.51
C PHE A 263 -2.05 36.54 -3.21
N GLN A 264 -0.89 36.76 -3.87
CA GLN A 264 0.26 35.97 -3.51
C GLN A 264 0.76 36.45 -2.15
N VAL A 265 1.16 35.48 -1.31
CA VAL A 265 1.83 35.80 -0.06
C VAL A 265 3.31 35.92 -0.37
N ASP A 266 3.79 37.17 -0.31
CA ASP A 266 5.19 37.49 -0.56
C ASP A 266 5.81 38.19 0.65
N GLU A 267 7.11 38.51 0.57
CA GLU A 267 7.77 39.02 1.75
C GLU A 267 7.19 40.39 2.08
N ALA A 268 6.80 41.13 1.04
CA ALA A 268 6.15 42.43 1.22
C ALA A 268 4.87 42.30 2.04
N LEU A 269 4.07 41.26 1.78
CA LEU A 269 2.83 41.11 2.50
C LEU A 269 3.15 40.77 3.95
N MET A 270 4.13 39.89 4.20
CA MET A 270 4.46 39.50 5.56
C MET A 270 4.95 40.72 6.34
N LYS A 271 5.61 41.67 5.65
CA LYS A 271 6.07 42.89 6.28
C LYS A 271 4.88 43.74 6.70
N LEU A 272 3.88 43.88 5.82
CA LEU A 272 2.63 44.53 6.19
C LEU A 272 1.94 43.89 7.39
N ALA A 273 1.98 42.56 7.46
CA ALA A 273 1.32 41.82 8.54
C ALA A 273 1.93 42.21 9.87
N GLY A 274 3.25 42.38 9.90
CA GLY A 274 3.91 42.83 11.11
C GLY A 274 4.80 41.75 11.71
N GLN A 275 5.58 42.16 12.70
CA GLN A 275 6.64 41.35 13.24
C GLN A 275 6.13 40.16 14.07
N LYS A 276 4.88 40.18 14.55
CA LYS A 276 4.28 39.09 15.33
C LYS A 276 3.80 37.94 14.44
N ALA A 277 3.78 38.15 13.12
CA ALA A 277 3.06 37.24 12.24
C ALA A 277 3.87 36.00 11.92
N TYR A 278 3.28 34.85 12.13
CA TYR A 278 3.81 33.62 11.56
C TYR A 278 3.19 33.38 10.19
N PHE A 279 3.90 32.63 9.35
CA PHE A 279 3.39 32.06 8.10
C PHE A 279 3.11 30.58 8.25
N MET A 280 1.88 30.25 7.81
CA MET A 280 1.42 28.87 7.81
C MET A 280 0.82 28.50 6.46
N HIS A 281 0.97 27.23 6.05
CA HIS A 281 0.48 26.70 4.78
C HIS A 281 0.27 25.22 5.00
N CYS A 282 -0.94 24.72 4.72
CA CYS A 282 -1.22 23.28 4.90
C CYS A 282 -0.33 22.38 4.03
N LEU A 283 0.16 22.90 2.89
CA LEU A 283 1.02 22.20 1.93
C LEU A 283 0.20 21.15 1.18
N PRO A 284 0.64 20.67 -0.02
CA PRO A 284 1.89 21.20 -0.63
C PRO A 284 1.82 22.64 -1.13
N ALA A 285 3.01 23.31 -1.17
CA ALA A 285 3.15 24.68 -1.65
C ALA A 285 3.70 24.72 -3.07
N GLU A 286 3.13 25.64 -3.88
CA GLU A 286 3.63 25.93 -5.20
CA GLU A 286 3.58 25.95 -5.22
C GLU A 286 4.28 27.30 -5.21
N ARG A 287 5.59 27.31 -4.98
CA ARG A 287 6.35 28.54 -4.98
C ARG A 287 6.16 29.22 -6.31
N GLY A 288 5.99 30.54 -6.23
CA GLY A 288 5.80 31.35 -7.41
C GLY A 288 4.33 31.53 -7.77
N VAL A 289 3.44 30.80 -7.08
CA VAL A 289 2.01 30.91 -7.35
C VAL A 289 1.36 31.58 -6.15
N GLU A 290 0.97 30.81 -5.12
CA GLU A 290 0.26 31.38 -4.00
C GLU A 290 1.22 31.95 -2.96
N VAL A 291 2.52 31.61 -3.05
CA VAL A 291 3.48 32.00 -2.05
C VAL A 291 4.83 32.06 -2.73
N THR A 292 5.76 32.84 -2.17
CA THR A 292 7.12 32.90 -2.68
C THR A 292 7.99 31.95 -1.87
N ASN A 293 9.12 31.59 -2.45
CA ASN A 293 10.15 30.82 -1.76
C ASN A 293 10.61 31.55 -0.51
N GLY A 294 10.88 32.85 -0.65
CA GLY A 294 11.34 33.61 0.50
C GLY A 294 10.42 33.51 1.72
N VAL A 295 9.10 33.51 1.49
CA VAL A 295 8.16 33.41 2.59
C VAL A 295 8.21 31.99 3.17
N VAL A 296 8.20 30.98 2.30
CA VAL A 296 8.12 29.60 2.79
C VAL A 296 9.33 29.29 3.67
N GLU A 297 10.50 29.79 3.27
CA GLU A 297 11.78 29.49 3.88
C GLU A 297 12.14 30.46 5.01
N ALA A 298 11.36 31.55 5.23
CA ALA A 298 11.69 32.56 6.22
C ALA A 298 11.64 32.05 7.66
N PRO A 299 12.36 32.73 8.59
CA PRO A 299 12.36 32.33 9.99
C PRO A 299 10.95 32.34 10.61
N TYR A 300 10.01 33.14 10.05
CA TYR A 300 8.68 33.23 10.62
C TYR A 300 7.79 32.14 10.02
N SER A 301 8.31 31.36 9.05
CA SER A 301 7.50 30.27 8.48
C SER A 301 7.56 29.03 9.36
N ILE A 302 6.39 28.47 9.72
CA ILE A 302 6.36 27.29 10.58
C ILE A 302 5.62 26.14 9.89
N VAL A 303 5.76 26.09 8.56
CA VAL A 303 5.10 25.05 7.78
C VAL A 303 5.59 23.66 8.16
N PHE A 304 6.86 23.46 8.55
CA PHE A 304 7.30 22.10 8.76
C PHE A 304 6.84 21.64 10.13
N PRO A 305 7.00 22.38 11.25
CA PRO A 305 6.38 21.94 12.49
C PRO A 305 4.86 21.79 12.36
N GLN A 306 4.25 22.67 11.56
CA GLN A 306 2.83 22.57 11.30
C GLN A 306 2.50 21.17 10.74
N ALA A 307 3.22 20.74 9.69
CA ALA A 307 2.99 19.45 9.04
C ALA A 307 3.19 18.32 10.05
N GLU A 308 4.23 18.39 10.87
CA GLU A 308 4.44 17.37 11.87
C GLU A 308 3.18 17.20 12.71
N ASN A 309 2.58 18.33 13.08
CA ASN A 309 1.53 18.27 14.06
C ASN A 309 0.26 17.62 13.54
N ARG A 310 0.17 17.34 12.23
CA ARG A 310 -0.90 16.46 11.76
C ARG A 310 -0.91 15.14 12.54
N MET A 311 0.26 14.53 12.73
CA MET A 311 0.30 13.25 13.41
C MET A 311 -0.10 13.40 14.86
N HIS A 312 0.38 14.44 15.56
CA HIS A 312 0.09 14.55 16.98
C HIS A 312 -1.39 14.90 17.20
N ALA A 313 -1.97 15.80 16.40
CA ALA A 313 -3.38 16.19 16.57
C ALA A 313 -4.26 14.97 16.28
N GLN A 314 -3.95 14.28 15.18
CA GLN A 314 -4.80 13.13 14.77
C GLN A 314 -4.70 11.98 15.76
N ASN A 315 -3.51 11.74 16.30
CA ASN A 315 -3.38 10.70 17.34
C ASN A 315 -4.37 10.97 18.49
N ALA A 316 -4.44 12.25 18.92
CA ALA A 316 -5.35 12.58 20.01
C ALA A 316 -6.81 12.40 19.61
N ILE A 317 -7.14 12.78 18.39
CA ILE A 317 -8.46 12.63 17.83
C ILE A 317 -8.85 11.15 17.84
N MET A 318 -7.97 10.30 17.31
CA MET A 318 -8.30 8.89 17.21
C MET A 318 -8.42 8.28 18.60
N LEU A 319 -7.57 8.63 19.52
CA LEU A 319 -7.67 8.22 20.91
C LEU A 319 -9.04 8.59 21.46
N HIS A 320 -9.47 9.83 21.22
CA HIS A 320 -10.76 10.26 21.74
C HIS A 320 -11.87 9.42 21.14
N LEU A 321 -11.87 9.21 19.82
CA LEU A 321 -12.97 8.49 19.16
C LEU A 321 -13.03 7.06 19.63
N LEU A 322 -11.87 6.50 20.01
CA LEU A 322 -11.86 5.10 20.40
C LEU A 322 -11.95 4.88 21.91
N GLY A 323 -12.31 5.95 22.64
CA GLY A 323 -12.68 5.88 24.06
C GLY A 323 -11.50 6.06 25.03
N PHE A 324 -10.35 6.49 24.54
CA PHE A 324 -9.19 6.73 25.40
C PHE A 324 -9.10 8.21 25.82
N LEU B 21 -1.47 -30.96 1.73
CA LEU B 21 -1.40 -30.24 0.44
C LEU B 21 -0.88 -28.83 0.69
N LYS B 22 -0.06 -28.33 -0.23
CA LYS B 22 0.67 -27.11 0.03
C LYS B 22 -0.26 -25.89 -0.08
N ASP B 23 -1.17 -25.87 -1.06
CA ASP B 23 -1.80 -24.63 -1.51
C ASP B 23 -3.31 -24.66 -1.29
N PHE B 24 -3.97 -23.51 -1.48
CA PHE B 24 -5.45 -23.46 -1.42
C PHE B 24 -5.96 -22.85 -2.72
N LEU B 25 -6.05 -23.64 -3.80
CA LEU B 25 -6.35 -23.13 -5.13
C LEU B 25 -7.81 -23.42 -5.57
N ALA B 26 -8.37 -24.47 -4.98
CA ALA B 26 -9.73 -24.94 -5.27
C ALA B 26 -10.24 -25.70 -4.05
N ILE B 27 -11.53 -25.68 -3.69
CA ILE B 27 -11.93 -26.33 -2.47
C ILE B 27 -11.78 -27.85 -2.57
N ASP B 28 -12.02 -28.44 -3.73
CA ASP B 28 -12.06 -29.89 -3.81
C ASP B 28 -10.67 -30.44 -4.12
N ASP B 29 -9.63 -29.61 -3.94
CA ASP B 29 -8.29 -30.18 -3.86
C ASP B 29 -8.09 -30.88 -2.50
N PHE B 30 -8.99 -30.62 -1.55
CA PHE B 30 -8.96 -31.17 -0.22
C PHE B 30 -10.13 -32.12 -0.07
N ASP B 31 -10.02 -33.05 0.88
CA ASP B 31 -11.10 -33.97 1.18
C ASP B 31 -12.15 -33.39 2.15
N THR B 32 -13.29 -34.07 2.27
CA THR B 32 -14.41 -33.61 3.10
C THR B 32 -14.00 -33.32 4.54
N ALA B 33 -13.27 -34.27 5.14
CA ALA B 33 -12.85 -34.15 6.51
C ALA B 33 -12.00 -32.89 6.72
N THR B 34 -11.06 -32.61 5.80
CA THR B 34 -10.15 -31.47 5.95
C THR B 34 -10.92 -30.17 5.79
N ILE B 35 -11.80 -30.06 4.79
CA ILE B 35 -12.64 -28.90 4.62
C ILE B 35 -13.47 -28.67 5.90
N LYS B 36 -14.07 -29.71 6.44
CA LYS B 36 -14.91 -29.54 7.65
C LYS B 36 -14.06 -29.10 8.84
N THR B 37 -12.87 -29.65 8.98
CA THR B 37 -11.93 -29.22 10.03
C THR B 37 -11.57 -27.73 9.91
N ILE B 38 -11.34 -27.23 8.69
CA ILE B 38 -11.04 -25.82 8.47
C ILE B 38 -12.22 -24.95 8.90
N LEU B 39 -13.42 -25.38 8.54
CA LEU B 39 -14.60 -24.58 8.87
C LEU B 39 -14.84 -24.57 10.39
N ASP B 40 -14.54 -25.67 11.09
CA ASP B 40 -14.61 -25.69 12.57
C ASP B 40 -13.62 -24.68 13.18
N LYS B 41 -12.39 -24.70 12.69
CA LYS B 41 -11.36 -23.78 13.22
C LYS B 41 -11.77 -22.33 12.94
N ALA B 42 -12.33 -22.10 11.76
CA ALA B 42 -12.85 -20.76 11.42
C ALA B 42 -13.79 -20.28 12.52
N SER B 43 -14.68 -21.18 12.95
CA SER B 43 -15.57 -20.80 14.03
C SER B 43 -14.85 -20.50 15.34
N GLU B 44 -13.87 -21.35 15.69
CA GLU B 44 -13.15 -21.20 16.95
C GLU B 44 -12.34 -19.91 16.98
N VAL B 45 -11.60 -19.65 15.91
CA VAL B 45 -10.75 -18.47 15.92
C VAL B 45 -11.60 -17.19 15.84
N LYS B 46 -12.71 -17.24 15.08
CA LYS B 46 -13.65 -16.14 15.05
C LYS B 46 -14.13 -15.85 16.48
N ALA B 47 -14.51 -16.90 17.23
CA ALA B 47 -15.02 -16.73 18.59
C ALA B 47 -13.97 -16.07 19.51
N LEU B 48 -12.69 -16.46 19.34
CA LEU B 48 -11.56 -15.91 20.09
C LEU B 48 -11.45 -14.43 19.80
N LEU B 49 -11.49 -14.07 18.53
CA LEU B 49 -11.34 -12.64 18.25
C LEU B 49 -12.56 -11.90 18.78
N LYS B 50 -13.75 -12.48 18.70
CA LYS B 50 -14.97 -11.78 19.09
CA LYS B 50 -14.94 -11.74 19.08
C LYS B 50 -14.97 -11.54 20.60
N SER B 51 -14.25 -12.41 21.32
CA SER B 51 -14.14 -12.30 22.76
C SER B 51 -13.33 -11.09 23.15
N GLY B 52 -12.60 -10.50 22.20
CA GLY B 52 -11.72 -9.39 22.50
C GLY B 52 -10.27 -9.83 22.72
N GLU B 53 -9.97 -11.14 22.70
CA GLU B 53 -8.59 -11.62 22.76
C GLU B 53 -7.76 -11.01 21.63
N ARG B 54 -6.61 -10.40 21.95
CA ARG B 54 -5.66 -10.05 20.91
C ARG B 54 -4.28 -10.64 21.18
N ASN B 55 -4.20 -11.65 22.05
CA ASN B 55 -2.90 -12.22 22.34
C ASN B 55 -2.80 -13.67 21.89
N TYR B 56 -3.46 -14.05 20.80
CA TYR B 56 -3.13 -15.29 20.09
C TYR B 56 -2.54 -14.91 18.75
N LEU B 57 -1.19 -14.95 18.70
CA LEU B 57 -0.50 -14.40 17.50
C LEU B 57 0.40 -15.46 16.87
N PRO B 58 -0.17 -16.50 16.24
CA PRO B 58 0.64 -17.57 15.67
C PRO B 58 1.46 -17.13 14.46
N PHE B 59 1.13 -16.01 13.81
CA PHE B 59 1.84 -15.50 12.61
C PHE B 59 2.92 -14.50 12.99
N LYS B 60 3.19 -14.39 14.27
CA LYS B 60 4.32 -13.51 14.68
CA LYS B 60 4.32 -13.51 14.69
C LYS B 60 5.60 -13.89 13.87
N GLY B 61 6.22 -12.85 13.31
CA GLY B 61 7.46 -13.10 12.55
C GLY B 61 7.23 -13.64 11.15
N LYS B 62 5.97 -13.70 10.72
CA LYS B 62 5.64 -14.22 9.37
C LYS B 62 5.13 -13.10 8.46
N SER B 63 5.37 -13.19 7.17
CA SER B 63 4.94 -12.27 6.15
C SER B 63 4.19 -12.98 5.04
N MET B 64 3.27 -12.26 4.39
CA MET B 64 2.48 -12.67 3.23
C MET B 64 2.55 -11.58 2.18
N SER B 65 2.99 -11.91 0.97
CA SER B 65 2.80 -11.06 -0.19
C SER B 65 1.43 -11.33 -0.81
N MET B 66 0.67 -10.26 -1.02
CA MET B 66 -0.65 -10.29 -1.64
C MET B 66 -0.54 -9.67 -3.03
N ILE B 67 -0.54 -10.49 -4.10
CA ILE B 67 -0.53 -10.01 -5.46
C ILE B 67 -1.95 -9.76 -5.97
N PHE B 68 -2.25 -8.52 -6.35
CA PHE B 68 -3.54 -8.18 -6.87
C PHE B 68 -3.45 -7.67 -8.29
N ALA B 69 -4.03 -8.38 -9.27
CA ALA B 69 -4.08 -7.92 -10.65
C ALA B 69 -5.26 -6.97 -10.88
N LYS B 70 -6.17 -6.87 -9.92
CA LYS B 70 -7.47 -6.20 -10.09
C LYS B 70 -7.84 -5.46 -8.80
N PRO B 71 -8.83 -4.52 -8.82
CA PRO B 71 -9.32 -3.89 -7.59
C PRO B 71 -9.93 -4.91 -6.63
N SER B 72 -9.96 -4.57 -5.32
CA SER B 72 -10.56 -5.45 -4.31
C SER B 72 -10.77 -4.70 -3.02
N MET B 73 -11.96 -4.86 -2.41
CA MET B 73 -12.11 -4.38 -1.06
C MET B 73 -12.16 -5.60 -0.15
N ARG B 74 -13.12 -6.49 -0.35
CA ARG B 74 -13.29 -7.61 0.61
C ARG B 74 -12.01 -8.46 0.69
N THR B 75 -11.50 -8.93 -0.45
CA THR B 75 -10.37 -9.84 -0.39
C THR B 75 -9.12 -9.16 0.23
N ARG B 76 -8.87 -7.96 -0.26
CA ARG B 76 -7.79 -7.10 0.23
C ARG B 76 -7.86 -6.93 1.75
N VAL B 77 -9.01 -6.40 2.25
CA VAL B 77 -9.04 -5.96 3.62
C VAL B 77 -9.14 -7.17 4.55
N SER B 78 -9.91 -8.19 4.12
CA SER B 78 -9.97 -9.39 4.93
C SER B 78 -8.63 -10.10 5.12
N PHE B 79 -7.86 -10.25 4.03
CA PHE B 79 -6.56 -10.90 4.12
C PHE B 79 -5.60 -10.05 4.94
N GLU B 80 -5.54 -8.77 4.67
CA GLU B 80 -4.55 -7.91 5.31
C GLU B 80 -4.88 -7.73 6.80
N THR B 81 -6.18 -7.51 7.11
CA THR B 81 -6.56 -7.35 8.50
C THR B 81 -6.42 -8.66 9.28
N GLY B 82 -6.80 -9.76 8.63
CA GLY B 82 -6.74 -10.99 9.40
C GLY B 82 -5.31 -11.43 9.70
N PHE B 83 -4.43 -11.24 8.73
CA PHE B 83 -3.04 -11.58 8.93
C PHE B 83 -2.46 -10.75 10.05
N PHE B 84 -2.80 -9.46 10.08
CA PHE B 84 -2.43 -8.62 11.20
C PHE B 84 -2.95 -9.13 12.52
N LEU B 85 -4.25 -9.51 12.57
CA LEU B 85 -4.83 -9.95 13.83
C LEU B 85 -4.18 -11.21 14.37
N LEU B 86 -3.58 -12.03 13.49
CA LEU B 86 -2.87 -13.21 13.92
C LEU B 86 -1.37 -12.98 14.07
N GLY B 87 -0.89 -11.74 13.96
CA GLY B 87 0.54 -11.47 14.32
C GLY B 87 1.50 -11.21 13.17
N GLY B 88 1.07 -11.28 11.94
CA GLY B 88 2.01 -11.17 10.84
C GLY B 88 1.86 -9.84 10.09
N HIS B 89 2.59 -9.68 9.01
CA HIS B 89 2.52 -8.55 8.10
C HIS B 89 2.22 -8.98 6.66
N ALA B 90 1.13 -8.47 6.09
CA ALA B 90 0.79 -8.71 4.70
C ALA B 90 1.22 -7.49 3.88
N LEU B 91 1.92 -7.71 2.77
CA LEU B 91 2.31 -6.67 1.81
C LEU B 91 1.25 -6.57 0.72
N TYR B 92 0.86 -5.35 0.33
CA TYR B 92 -0.07 -5.16 -0.77
C TYR B 92 0.68 -4.84 -2.05
N LEU B 93 0.71 -5.79 -2.99
CA LEU B 93 1.32 -5.57 -4.28
C LEU B 93 0.17 -5.37 -5.25
N GLY B 94 -0.05 -4.10 -5.54
CA GLY B 94 -1.10 -3.69 -6.47
C GLY B 94 -0.81 -3.98 -7.91
N PRO B 95 -1.80 -3.79 -8.80
CA PRO B 95 -1.67 -4.18 -10.19
C PRO B 95 -0.47 -3.59 -10.95
N ASN B 96 -0.06 -2.40 -10.55
CA ASN B 96 1.06 -1.72 -11.26
C ASN B 96 2.35 -1.88 -10.46
N ASP B 97 2.33 -2.56 -9.33
CA ASP B 97 3.54 -2.64 -8.46
C ASP B 97 4.57 -3.65 -9.02
N ILE B 98 4.15 -4.84 -9.36
CA ILE B 98 5.11 -5.90 -9.86
C ILE B 98 4.70 -6.38 -11.25
N GLN B 99 3.42 -6.28 -11.61
CA GLN B 99 2.93 -6.56 -12.97
C GLN B 99 3.27 -7.98 -13.43
N MET B 100 2.87 -8.93 -12.62
CA MET B 100 3.17 -10.32 -12.85
C MET B 100 2.57 -10.73 -14.19
N GLY B 101 3.42 -11.37 -15.00
CA GLY B 101 3.01 -11.82 -16.32
C GLY B 101 3.25 -10.77 -17.40
N LYS B 102 3.68 -9.54 -17.03
CA LYS B 102 4.00 -8.50 -17.99
C LYS B 102 5.42 -7.94 -17.83
N ARG B 103 5.73 -7.41 -16.66
CA ARG B 103 7.06 -6.93 -16.34
C ARG B 103 8.01 -8.10 -16.06
N GLU B 104 7.40 -9.23 -15.66
CA GLU B 104 8.12 -10.35 -15.09
C GLU B 104 7.29 -11.63 -15.14
N GLU B 105 7.91 -12.74 -15.55
CA GLU B 105 7.15 -13.99 -15.64
C GLU B 105 6.80 -14.53 -14.25
N THR B 106 5.65 -15.16 -14.17
CA THR B 106 5.12 -15.73 -12.95
C THR B 106 6.09 -16.69 -12.25
N ARG B 107 6.80 -17.50 -13.03
CA ARG B 107 7.78 -18.44 -12.41
C ARG B 107 8.89 -17.72 -11.66
N ASP B 108 9.22 -16.52 -12.14
CA ASP B 108 10.28 -15.75 -11.51
C ASP B 108 9.73 -15.02 -10.27
N VAL B 109 8.55 -14.45 -10.36
CA VAL B 109 7.87 -13.88 -9.17
C VAL B 109 7.72 -14.92 -8.05
N ALA B 110 7.32 -16.14 -8.42
CA ALA B 110 7.12 -17.21 -7.42
C ALA B 110 8.43 -17.51 -6.68
N ARG B 111 9.56 -17.56 -7.41
CA ARG B 111 10.80 -18.02 -6.82
C ARG B 111 11.44 -16.91 -5.99
N VAL B 112 11.17 -15.65 -6.34
CA VAL B 112 11.67 -14.54 -5.54
C VAL B 112 10.85 -14.36 -4.26
N LEU B 113 9.51 -14.31 -4.38
CA LEU B 113 8.68 -14.07 -3.20
C LEU B 113 8.76 -15.20 -2.18
N SER B 114 8.93 -16.44 -2.67
CA SER B 114 9.12 -17.60 -1.80
CA SER B 114 9.09 -17.59 -1.79
C SER B 114 10.35 -17.47 -0.91
N ARG B 115 11.34 -16.67 -1.34
CA ARG B 115 12.56 -16.42 -0.54
C ARG B 115 12.43 -15.25 0.45
N TYR B 116 11.42 -14.38 0.26
CA TYR B 116 11.20 -13.26 1.18
C TYR B 116 10.14 -13.60 2.21
N ASN B 117 9.07 -14.26 1.78
CA ASN B 117 7.85 -14.33 2.55
C ASN B 117 7.49 -15.78 2.90
N ASP B 118 6.44 -15.97 3.70
CA ASP B 118 6.09 -17.28 4.21
C ASP B 118 4.84 -17.86 3.52
N ILE B 119 4.14 -17.05 2.73
CA ILE B 119 2.89 -17.36 2.10
C ILE B 119 2.60 -16.27 1.07
N ILE B 120 1.96 -16.69 -0.02
CA ILE B 120 1.58 -15.74 -1.09
C ILE B 120 0.09 -15.88 -1.37
N MET B 121 -0.61 -14.75 -1.38
CA MET B 121 -2.03 -14.73 -1.85
CA MET B 121 -2.04 -14.72 -1.89
C MET B 121 -2.01 -14.07 -3.25
N ALA B 122 -2.82 -14.61 -4.17
CA ALA B 122 -2.88 -14.02 -5.51
C ALA B 122 -4.27 -13.92 -6.16
N ARG B 123 -4.61 -12.73 -6.63
CA ARG B 123 -5.79 -12.50 -7.47
C ARG B 123 -5.30 -12.20 -8.88
N VAL B 124 -5.66 -13.04 -9.85
CA VAL B 124 -5.18 -12.99 -11.22
C VAL B 124 -6.37 -13.16 -12.18
N PHE B 125 -6.05 -13.06 -13.47
CA PHE B 125 -6.94 -13.30 -14.58
C PHE B 125 -6.84 -14.79 -14.90
N ALA B 126 -5.97 -15.18 -15.84
CA ALA B 126 -5.93 -16.59 -16.21
C ALA B 126 -5.66 -17.47 -14.99
N HIS B 127 -6.51 -18.50 -14.83
CA HIS B 127 -6.29 -19.48 -13.78
C HIS B 127 -4.87 -20.07 -13.87
N GLN B 128 -4.42 -20.27 -15.09
CA GLN B 128 -3.11 -20.87 -15.26
C GLN B 128 -2.06 -20.02 -14.55
N ASP B 129 -2.29 -18.70 -14.37
CA ASP B 129 -1.24 -17.91 -13.72
C ASP B 129 -1.17 -18.30 -12.24
N ILE B 130 -2.31 -18.64 -11.59
CA ILE B 130 -2.23 -19.06 -10.20
C ILE B 130 -1.61 -20.47 -10.10
N LEU B 131 -1.93 -21.37 -11.04
CA LEU B 131 -1.28 -22.67 -11.03
C LEU B 131 0.23 -22.56 -11.19
N ASP B 132 0.64 -21.65 -12.09
CA ASP B 132 2.07 -21.47 -12.30
C ASP B 132 2.72 -20.97 -11.00
N LEU B 133 2.10 -19.97 -10.36
CA LEU B 133 2.60 -19.39 -9.12
C LEU B 133 2.81 -20.46 -8.06
N ALA B 134 1.82 -21.35 -7.90
CA ALA B 134 1.91 -22.45 -6.94
C ALA B 134 3.03 -23.44 -7.30
N ASN B 135 3.07 -23.79 -8.56
CA ASN B 135 4.09 -24.77 -9.05
CA ASN B 135 4.09 -24.77 -9.04
C ASN B 135 5.57 -24.39 -8.81
N TYR B 136 5.79 -23.08 -8.90
CA TYR B 136 7.18 -22.58 -8.73
C TYR B 136 7.41 -21.97 -7.35
N SER B 137 6.38 -21.88 -6.51
CA SER B 137 6.56 -21.40 -5.11
CA SER B 137 6.57 -21.40 -5.12
C SER B 137 6.79 -22.52 -4.08
N SER B 138 7.82 -22.34 -3.25
CA SER B 138 8.12 -23.28 -2.17
C SER B 138 7.27 -22.99 -0.94
N VAL B 139 6.61 -21.83 -0.90
CA VAL B 139 5.66 -21.54 0.17
C VAL B 139 4.23 -21.77 -0.33
N PRO B 140 3.23 -21.84 0.57
CA PRO B 140 1.84 -21.95 0.16
C PRO B 140 1.35 -20.74 -0.63
N VAL B 141 0.49 -21.04 -1.60
CA VAL B 141 -0.21 -20.06 -2.40
C VAL B 141 -1.69 -20.18 -2.13
N VAL B 142 -2.32 -19.03 -1.83
CA VAL B 142 -3.75 -18.91 -1.63
CA VAL B 142 -3.75 -18.95 -1.64
C VAL B 142 -4.37 -18.16 -2.79
N ASN B 143 -5.48 -18.70 -3.32
CA ASN B 143 -6.27 -18.10 -4.37
C ASN B 143 -7.24 -17.02 -3.90
N GLY B 144 -7.02 -15.81 -4.41
CA GLY B 144 -7.82 -14.66 -4.03
C GLY B 144 -8.80 -14.21 -5.11
N LEU B 145 -9.06 -15.10 -6.09
CA LEU B 145 -9.98 -15.00 -7.22
C LEU B 145 -9.17 -15.13 -8.52
N THR B 146 -9.61 -16.02 -9.42
CA THR B 146 -9.12 -16.06 -10.78
C THR B 146 -10.34 -16.01 -11.73
N ASP B 147 -10.05 -15.97 -13.04
CA ASP B 147 -11.08 -16.16 -14.07
C ASP B 147 -11.89 -17.43 -13.88
N HIS B 148 -11.32 -18.46 -13.24
CA HIS B 148 -11.96 -19.77 -13.15
C HIS B 148 -12.77 -19.90 -11.86
N ASN B 149 -12.26 -19.45 -10.71
CA ASN B 149 -12.95 -19.75 -9.47
C ASN B 149 -12.65 -18.73 -8.36
N HIS B 150 -13.17 -19.02 -7.18
CA HIS B 150 -13.07 -18.07 -6.06
C HIS B 150 -13.26 -18.83 -4.76
N PRO B 151 -12.35 -19.76 -4.42
CA PRO B 151 -12.62 -20.71 -3.36
C PRO B 151 -12.71 -20.17 -1.92
N CYS B 152 -11.95 -19.08 -1.64
CA CYS B 152 -12.05 -18.47 -0.34
C CYS B 152 -13.42 -17.81 -0.13
N GLN B 153 -14.07 -17.35 -1.20
CA GLN B 153 -15.39 -16.75 -1.08
C GLN B 153 -16.38 -17.84 -0.65
N ILE B 154 -16.31 -19.00 -1.32
CA ILE B 154 -17.29 -20.05 -1.02
C ILE B 154 -17.00 -20.69 0.32
N MET B 155 -15.74 -20.75 0.75
CA MET B 155 -15.48 -21.14 2.13
C MET B 155 -16.16 -20.23 3.14
N ALA B 156 -16.08 -18.91 2.92
CA ALA B 156 -16.77 -17.97 3.77
C ALA B 156 -18.28 -18.19 3.73
N ASP B 157 -18.83 -18.40 2.52
CA ASP B 157 -20.26 -18.66 2.29
C ASP B 157 -20.68 -19.84 3.13
N ALA B 158 -19.88 -20.93 3.12
CA ALA B 158 -20.18 -22.15 3.84
C ALA B 158 -20.25 -21.91 5.34
N LEU B 159 -19.28 -21.13 5.86
CA LEU B 159 -19.30 -20.70 7.26
C LEU B 159 -20.58 -19.94 7.56
N THR B 160 -20.95 -18.98 6.69
CA THR B 160 -22.13 -18.17 6.88
C THR B 160 -23.38 -19.08 6.95
N MET B 161 -23.45 -20.06 6.06
CA MET B 161 -24.60 -21.00 6.01
C MET B 161 -24.65 -21.79 7.31
N ILE B 162 -23.49 -22.24 7.81
CA ILE B 162 -23.46 -23.04 9.04
C ILE B 162 -24.03 -22.21 10.20
N GLU B 163 -23.69 -20.94 10.19
CA GLU B 163 -24.10 -20.04 11.25
C GLU B 163 -25.59 -19.73 11.17
N HIS B 164 -26.14 -19.55 9.96
CA HIS B 164 -27.53 -19.13 9.83
C HIS B 164 -28.48 -20.31 9.70
N ILE B 165 -28.13 -21.32 8.91
CA ILE B 165 -28.99 -22.45 8.67
C ILE B 165 -28.70 -23.56 9.68
N GLY B 166 -27.42 -23.76 10.01
CA GLY B 166 -27.01 -24.77 10.97
C GLY B 166 -25.91 -25.66 10.41
N GLN B 167 -25.99 -25.90 9.10
CA GLN B 167 -25.16 -26.82 8.34
C GLN B 167 -25.33 -26.51 6.86
N VAL B 168 -24.33 -26.96 6.09
CA VAL B 168 -24.39 -26.94 4.63
C VAL B 168 -25.07 -28.22 4.14
N GLU B 169 -24.83 -29.35 4.81
CA GLU B 169 -25.36 -30.63 4.35
C GLU B 169 -26.88 -30.56 4.20
N GLY B 170 -27.38 -31.06 3.08
CA GLY B 170 -28.81 -31.27 2.86
C GLY B 170 -29.60 -30.03 2.46
N THR B 171 -28.89 -28.91 2.19
CA THR B 171 -29.53 -27.66 1.86
C THR B 171 -29.78 -27.62 0.36
N LYS B 172 -30.50 -26.60 -0.08
CA LYS B 172 -30.68 -26.28 -1.49
C LYS B 172 -30.17 -24.86 -1.75
N VAL B 173 -29.03 -24.76 -2.47
CA VAL B 173 -28.42 -23.53 -2.91
C VAL B 173 -28.72 -23.29 -4.38
N VAL B 174 -29.30 -22.13 -4.70
CA VAL B 174 -29.65 -21.78 -6.07
C VAL B 174 -28.95 -20.48 -6.43
N TYR B 175 -28.03 -20.62 -7.38
CA TYR B 175 -27.34 -19.45 -7.90
C TYR B 175 -28.12 -18.97 -9.12
N VAL B 176 -28.42 -17.67 -9.20
CA VAL B 176 -29.10 -17.11 -10.35
C VAL B 176 -28.17 -16.10 -11.01
N GLY B 177 -27.75 -16.36 -12.25
CA GLY B 177 -26.93 -15.40 -12.97
C GLY B 177 -26.01 -16.10 -13.95
N ASP B 178 -24.77 -15.57 -14.14
CA ASP B 178 -23.84 -16.10 -15.12
C ASP B 178 -23.11 -17.29 -14.51
N GLY B 179 -22.90 -18.36 -15.31
CA GLY B 179 -22.18 -19.56 -14.90
C GLY B 179 -20.68 -19.32 -14.98
N ASN B 180 -20.14 -18.73 -13.91
CA ASN B 180 -18.87 -18.02 -13.81
C ASN B 180 -18.01 -18.61 -12.71
N ASN B 181 -17.04 -17.82 -12.24
CA ASN B 181 -16.12 -18.30 -11.20
C ASN B 181 -16.80 -18.69 -9.88
N MET B 182 -17.85 -17.95 -9.50
CA MET B 182 -18.49 -18.21 -8.19
C MET B 182 -19.19 -19.58 -8.30
N VAL B 183 -19.80 -19.80 -9.44
CA VAL B 183 -20.49 -21.10 -9.70
C VAL B 183 -19.46 -22.24 -9.69
N HIS B 184 -18.29 -21.99 -10.27
CA HIS B 184 -17.24 -22.98 -10.23
C HIS B 184 -16.84 -23.38 -8.82
N SER B 185 -16.71 -22.42 -7.89
CA SER B 185 -16.38 -22.79 -6.53
C SER B 185 -17.58 -23.35 -5.75
N TRP B 186 -18.81 -23.03 -6.14
CA TRP B 186 -19.96 -23.72 -5.57
C TRP B 186 -19.91 -25.22 -5.92
N LEU B 187 -19.50 -25.50 -7.15
CA LEU B 187 -19.39 -26.86 -7.63
C LEU B 187 -18.24 -27.56 -6.93
N GLU B 188 -17.17 -26.84 -6.64
CA GLU B 188 -16.13 -27.38 -5.79
C GLU B 188 -16.69 -27.82 -4.43
N LEU B 189 -17.47 -26.96 -3.77
CA LEU B 189 -17.94 -27.30 -2.44
C LEU B 189 -18.88 -28.52 -2.51
N ALA B 190 -19.70 -28.54 -3.56
CA ALA B 190 -20.67 -29.63 -3.78
C ALA B 190 -19.97 -30.98 -4.05
N SER B 191 -18.67 -30.95 -4.40
CA SER B 191 -17.82 -32.11 -4.55
C SER B 191 -17.33 -32.72 -3.22
N VAL B 192 -17.42 -31.95 -2.11
CA VAL B 192 -16.90 -32.32 -0.80
C VAL B 192 -17.98 -32.34 0.28
N ILE B 193 -19.11 -31.66 0.09
CA ILE B 193 -20.19 -31.68 1.06
CA ILE B 193 -20.20 -31.67 1.06
C ILE B 193 -21.46 -32.05 0.31
N PRO B 194 -22.32 -32.96 0.83
CA PRO B 194 -23.49 -33.32 0.08
C PRO B 194 -24.63 -32.36 0.26
N PHE B 195 -25.01 -31.66 -0.82
CA PHE B 195 -26.18 -30.79 -0.84
C PHE B 195 -26.74 -30.73 -2.26
N HIS B 196 -27.73 -29.86 -2.44
CA HIS B 196 -28.42 -29.69 -3.71
C HIS B 196 -28.02 -28.31 -4.22
N PHE B 197 -27.40 -28.29 -5.38
CA PHE B 197 -26.89 -27.03 -5.95
C PHE B 197 -27.50 -26.87 -7.33
N VAL B 198 -28.10 -25.73 -7.54
CA VAL B 198 -28.75 -25.42 -8.79
C VAL B 198 -28.15 -24.12 -9.34
N CYS B 199 -27.70 -24.17 -10.60
CA CYS B 199 -27.28 -22.97 -11.30
C CYS B 199 -28.35 -22.60 -12.33
N ALA B 200 -29.08 -21.50 -12.12
CA ALA B 200 -30.08 -20.98 -13.04
C ALA B 200 -29.43 -19.85 -13.84
N CYS B 201 -29.01 -20.18 -15.05
CA CYS B 201 -28.23 -19.28 -15.89
C CYS B 201 -28.86 -19.15 -17.28
N PRO B 202 -28.64 -18.03 -18.00
CA PRO B 202 -29.16 -17.90 -19.36
C PRO B 202 -28.53 -18.97 -20.24
N LYS B 203 -29.28 -19.41 -21.25
CA LYS B 203 -28.74 -20.37 -22.20
C LYS B 203 -27.53 -19.73 -22.89
N GLY B 204 -26.46 -20.48 -23.04
CA GLY B 204 -25.22 -19.92 -23.55
C GLY B 204 -24.26 -19.53 -22.43
N TYR B 205 -24.73 -19.33 -21.19
CA TYR B 205 -23.91 -18.81 -20.11
C TYR B 205 -23.73 -19.83 -18.98
N GLU B 206 -23.69 -21.11 -19.37
CA GLU B 206 -23.57 -22.20 -18.43
C GLU B 206 -22.15 -22.28 -17.90
N PRO B 207 -21.94 -22.82 -16.68
CA PRO B 207 -20.60 -23.10 -16.21
C PRO B 207 -19.88 -24.13 -17.08
N ASP B 208 -18.57 -24.24 -16.85
CA ASP B 208 -17.76 -25.16 -17.59
C ASP B 208 -18.30 -26.60 -17.40
N LYS B 209 -18.46 -27.33 -18.52
CA LYS B 209 -18.96 -28.69 -18.47
C LYS B 209 -18.03 -29.58 -17.65
N GLU B 210 -16.72 -29.38 -17.76
CA GLU B 210 -15.79 -30.23 -17.04
C GLU B 210 -15.96 -30.03 -15.54
N ARG B 211 -16.26 -28.80 -15.10
CA ARG B 211 -16.36 -28.51 -13.65
C ARG B 211 -17.65 -29.12 -13.11
N VAL B 212 -18.71 -29.02 -13.91
CA VAL B 212 -19.98 -29.65 -13.55
C VAL B 212 -19.77 -31.17 -13.46
N SER B 213 -19.08 -31.74 -14.43
CA SER B 213 -18.90 -33.20 -14.45
C SER B 213 -18.04 -33.66 -13.27
N LYS B 214 -17.01 -32.85 -12.90
CA LYS B 214 -16.14 -33.15 -11.77
C LYS B 214 -16.93 -33.17 -10.46
N ALA B 215 -17.91 -32.27 -10.33
CA ALA B 215 -18.76 -32.30 -9.14
C ALA B 215 -19.62 -33.57 -9.12
N LYS B 216 -20.21 -33.91 -10.26
CA LYS B 216 -21.01 -35.11 -10.35
C LYS B 216 -20.24 -36.42 -10.07
N GLN B 217 -18.98 -36.47 -10.48
CA GLN B 217 -18.12 -37.63 -10.25
C GLN B 217 -17.95 -37.92 -8.77
N ALA B 218 -17.89 -36.87 -7.94
CA ALA B 218 -17.73 -37.03 -6.52
C ALA B 218 -18.91 -37.79 -5.91
N GLY B 219 -20.10 -37.69 -6.52
CA GLY B 219 -21.30 -38.40 -6.17
C GLY B 219 -21.95 -37.97 -4.86
N LEU B 220 -21.63 -36.78 -4.31
CA LEU B 220 -22.23 -36.39 -3.04
C LEU B 220 -23.49 -35.60 -3.26
N SER B 221 -23.49 -34.75 -4.29
CA SER B 221 -24.50 -33.70 -4.37
C SER B 221 -25.42 -33.86 -5.58
N LYS B 222 -26.64 -33.36 -5.48
CA LYS B 222 -27.54 -33.22 -6.62
C LYS B 222 -27.25 -31.88 -7.28
N ILE B 223 -26.82 -31.96 -8.55
CA ILE B 223 -26.31 -30.82 -9.30
C ILE B 223 -27.19 -30.63 -10.51
N GLU B 224 -27.75 -29.41 -10.67
CA GLU B 224 -28.63 -29.10 -11.76
C GLU B 224 -28.22 -27.78 -12.39
N ILE B 225 -28.19 -27.78 -13.72
CA ILE B 225 -28.06 -26.59 -14.56
C ILE B 225 -29.39 -26.37 -15.27
N THR B 226 -29.94 -25.17 -15.17
CA THR B 226 -31.26 -24.88 -15.69
C THR B 226 -31.26 -23.45 -16.20
N ASN B 227 -32.20 -23.10 -17.08
CA ASN B 227 -32.36 -21.72 -17.51
C ASN B 227 -33.67 -21.11 -17.02
N ASP B 228 -34.29 -21.70 -15.99
CA ASP B 228 -35.55 -21.20 -15.45
C ASP B 228 -35.42 -20.86 -13.96
N PRO B 229 -35.10 -19.59 -13.63
CA PRO B 229 -34.88 -19.18 -12.23
C PRO B 229 -36.14 -19.25 -11.39
N LYS B 230 -37.30 -18.99 -11.99
CA LYS B 230 -38.52 -18.92 -11.20
C LYS B 230 -38.90 -20.31 -10.68
N GLU B 231 -38.61 -21.36 -11.45
CA GLU B 231 -38.77 -22.72 -10.97
C GLU B 231 -37.61 -23.12 -10.04
N ALA B 232 -36.38 -22.74 -10.38
CA ALA B 232 -35.19 -23.17 -9.66
C ALA B 232 -35.22 -22.77 -8.19
N VAL B 233 -35.72 -21.56 -7.89
CA VAL B 233 -35.55 -21.04 -6.53
C VAL B 233 -36.48 -21.72 -5.54
N ILE B 234 -37.53 -22.39 -6.02
CA ILE B 234 -38.51 -22.94 -5.11
C ILE B 234 -37.89 -23.84 -4.04
N GLY B 235 -38.13 -23.46 -2.80
CA GLY B 235 -37.66 -24.20 -1.65
C GLY B 235 -36.17 -24.00 -1.36
N ALA B 236 -35.52 -23.02 -1.99
CA ALA B 236 -34.10 -22.75 -1.72
C ALA B 236 -33.88 -22.37 -0.26
N ASP B 237 -32.75 -22.82 0.33
CA ASP B 237 -32.21 -22.22 1.55
C ASP B 237 -31.38 -20.96 1.26
N VAL B 238 -30.73 -20.91 0.08
CA VAL B 238 -29.95 -19.78 -0.38
C VAL B 238 -30.30 -19.51 -1.84
N VAL B 239 -30.56 -18.25 -2.12
CA VAL B 239 -30.55 -17.69 -3.45
C VAL B 239 -29.31 -16.79 -3.53
N TYR B 240 -28.46 -17.05 -4.53
CA TYR B 240 -27.14 -16.44 -4.59
C TYR B 240 -26.97 -15.68 -5.89
N SER B 241 -26.35 -14.50 -5.83
CA SER B 241 -26.13 -13.72 -7.04
C SER B 241 -24.70 -13.13 -7.02
N ASP B 242 -24.29 -12.59 -8.17
CA ASP B 242 -22.99 -11.98 -8.41
C ASP B 242 -23.16 -11.04 -9.59
N VAL B 243 -22.29 -10.02 -9.69
CA VAL B 243 -22.29 -9.12 -10.83
C VAL B 243 -22.02 -9.89 -12.12
N TRP B 244 -22.70 -9.51 -13.21
CA TRP B 244 -22.69 -10.21 -14.48
C TRP B 244 -21.49 -9.78 -15.33
N ALA B 245 -21.15 -8.50 -15.30
CA ALA B 245 -19.88 -8.01 -15.84
C ALA B 245 -19.82 -8.20 -17.37
N GLU B 252 -20.58 -9.70 -27.75
CA GLU B 252 -21.56 -8.58 -27.94
C GLU B 252 -22.27 -8.27 -26.63
N ALA B 253 -22.21 -7.01 -26.22
CA ALA B 253 -22.79 -6.57 -24.96
C ALA B 253 -24.32 -6.62 -25.05
N GLU B 254 -24.86 -6.38 -26.24
CA GLU B 254 -26.29 -6.26 -26.43
C GLU B 254 -26.95 -7.63 -26.35
N ALA B 255 -26.24 -8.65 -26.81
CA ALA B 255 -26.80 -10.00 -26.86
C ALA B 255 -26.91 -10.56 -25.46
N ARG B 256 -25.85 -10.30 -24.66
CA ARG B 256 -25.78 -10.60 -23.26
C ARG B 256 -26.91 -9.90 -22.50
N ARG B 257 -27.09 -8.58 -22.74
CA ARG B 257 -28.15 -7.86 -22.07
C ARG B 257 -29.48 -8.60 -22.29
N LYS B 258 -29.73 -8.99 -23.54
CA LYS B 258 -30.97 -9.68 -23.92
C LYS B 258 -31.11 -10.99 -23.16
N ALA B 259 -30.01 -11.77 -23.12
CA ALA B 259 -30.05 -13.10 -22.55
C ALA B 259 -30.33 -13.06 -21.05
N PHE B 260 -29.88 -12.00 -20.36
CA PHE B 260 -29.97 -11.97 -18.87
C PHE B 260 -31.30 -11.36 -18.41
N GLN B 261 -32.15 -11.02 -19.37
CA GLN B 261 -33.51 -10.58 -18.99
C GLN B 261 -34.20 -11.80 -18.33
N GLY B 262 -34.74 -11.63 -17.13
CA GLY B 262 -35.34 -12.74 -16.36
C GLY B 262 -34.46 -13.27 -15.24
N PHE B 263 -33.22 -12.79 -15.13
CA PHE B 263 -32.26 -13.35 -14.14
C PHE B 263 -31.91 -12.35 -13.05
N GLN B 264 -32.63 -11.22 -13.00
CA GLN B 264 -32.41 -10.29 -11.87
C GLN B 264 -33.04 -10.91 -10.62
N VAL B 265 -32.35 -10.88 -9.49
CA VAL B 265 -32.99 -11.34 -8.22
C VAL B 265 -33.80 -10.16 -7.65
N ASP B 266 -35.12 -10.23 -7.75
CA ASP B 266 -36.00 -9.21 -7.17
C ASP B 266 -36.81 -9.78 -6.02
N GLU B 267 -37.66 -8.93 -5.43
CA GLU B 267 -38.40 -9.34 -4.25
C GLU B 267 -39.41 -10.41 -4.65
N ALA B 268 -39.93 -10.32 -5.87
CA ALA B 268 -40.86 -11.35 -6.38
C ALA B 268 -40.18 -12.71 -6.45
N LEU B 269 -38.91 -12.78 -6.89
CA LEU B 269 -38.23 -14.06 -7.00
C LEU B 269 -38.00 -14.63 -5.61
N MET B 270 -37.61 -13.80 -4.66
CA MET B 270 -37.39 -14.24 -3.30
C MET B 270 -38.70 -14.77 -2.67
N LYS B 271 -39.85 -14.16 -2.99
CA LYS B 271 -41.11 -14.69 -2.52
C LYS B 271 -41.39 -16.07 -3.12
N LEU B 272 -41.07 -16.32 -4.40
CA LEU B 272 -41.20 -17.66 -4.96
C LEU B 272 -40.25 -18.67 -4.30
N ALA B 273 -39.06 -18.18 -3.90
CA ALA B 273 -38.08 -19.03 -3.28
C ALA B 273 -38.68 -19.61 -2.02
N GLY B 274 -39.35 -18.73 -1.26
CA GLY B 274 -40.02 -19.20 -0.06
C GLY B 274 -39.47 -18.58 1.23
N GLN B 275 -40.10 -18.94 2.34
CA GLN B 275 -39.83 -18.29 3.62
C GLN B 275 -38.49 -18.69 4.26
N LYS B 276 -37.88 -19.81 3.87
CA LYS B 276 -36.62 -20.25 4.54
C LYS B 276 -35.40 -19.76 3.73
N ALA B 277 -35.65 -19.07 2.64
CA ALA B 277 -34.55 -18.62 1.78
C ALA B 277 -33.83 -17.41 2.36
N TYR B 278 -32.50 -17.50 2.43
CA TYR B 278 -31.62 -16.34 2.63
C TYR B 278 -31.13 -15.86 1.27
N PHE B 279 -30.81 -14.56 1.18
CA PHE B 279 -30.17 -14.01 -0.01
C PHE B 279 -28.70 -13.76 0.28
N MET B 280 -27.85 -14.24 -0.64
CA MET B 280 -26.41 -14.04 -0.51
C MET B 280 -25.86 -13.48 -1.80
N HIS B 281 -24.74 -12.74 -1.72
CA HIS B 281 -24.16 -12.09 -2.87
C HIS B 281 -22.72 -11.78 -2.47
N CYS B 282 -21.73 -12.18 -3.28
CA CYS B 282 -20.35 -12.05 -2.87
C CYS B 282 -19.90 -10.58 -2.84
N LEU B 283 -20.64 -9.70 -3.52
CA LEU B 283 -20.40 -8.24 -3.59
C LEU B 283 -19.15 -7.95 -4.41
N PRO B 284 -18.95 -6.74 -4.98
CA PRO B 284 -19.88 -5.61 -4.91
C PRO B 284 -21.16 -5.87 -5.68
N ALA B 285 -22.26 -5.33 -5.18
CA ALA B 285 -23.55 -5.46 -5.83
C ALA B 285 -23.81 -4.23 -6.69
N GLU B 286 -24.45 -4.45 -7.85
CA GLU B 286 -24.99 -3.39 -8.67
C GLU B 286 -26.52 -3.41 -8.69
N ARG B 287 -27.08 -2.63 -7.79
CA ARG B 287 -28.51 -2.59 -7.67
C ARG B 287 -29.07 -2.07 -8.97
N GLY B 288 -30.14 -2.75 -9.41
CA GLY B 288 -30.85 -2.44 -10.63
C GLY B 288 -30.33 -3.30 -11.78
N VAL B 289 -29.26 -4.08 -11.54
CA VAL B 289 -28.74 -4.97 -12.56
C VAL B 289 -29.07 -6.40 -12.14
N GLU B 290 -28.17 -7.08 -11.42
CA GLU B 290 -28.34 -8.48 -11.08
C GLU B 290 -29.29 -8.63 -9.89
N VAL B 291 -29.54 -7.52 -9.16
CA VAL B 291 -30.30 -7.62 -7.93
C VAL B 291 -30.95 -6.27 -7.65
N THR B 292 -32.04 -6.24 -6.86
CA THR B 292 -32.70 -4.97 -6.52
C THR B 292 -32.27 -4.50 -5.12
N ASN B 293 -32.45 -3.21 -4.88
CA ASN B 293 -32.16 -2.61 -3.59
C ASN B 293 -32.94 -3.40 -2.54
N GLY B 294 -34.21 -3.67 -2.80
CA GLY B 294 -35.11 -4.24 -1.80
C GLY B 294 -34.67 -5.62 -1.33
N VAL B 295 -34.08 -6.40 -2.25
CA VAL B 295 -33.51 -7.68 -1.89
C VAL B 295 -32.22 -7.53 -1.05
N VAL B 296 -31.28 -6.70 -1.51
CA VAL B 296 -30.03 -6.50 -0.77
C VAL B 296 -30.28 -6.08 0.66
N GLU B 297 -31.27 -5.19 0.87
CA GLU B 297 -31.53 -4.62 2.17
C GLU B 297 -32.60 -5.41 2.94
N ALA B 298 -33.13 -6.51 2.39
CA ALA B 298 -34.20 -7.23 3.07
C ALA B 298 -33.71 -7.92 4.34
N PRO B 299 -34.65 -8.27 5.27
CA PRO B 299 -34.24 -8.99 6.46
C PRO B 299 -33.58 -10.35 6.20
N TYR B 300 -33.96 -11.02 5.09
CA TYR B 300 -33.40 -12.31 4.72
C TYR B 300 -32.03 -12.19 4.02
N SER B 301 -31.59 -10.95 3.76
CA SER B 301 -30.29 -10.74 3.12
C SER B 301 -29.18 -10.81 4.15
N ILE B 302 -28.14 -11.63 3.87
CA ILE B 302 -27.08 -11.83 4.86
C ILE B 302 -25.73 -11.43 4.23
N VAL B 303 -25.78 -10.45 3.32
CA VAL B 303 -24.59 -10.11 2.53
C VAL B 303 -23.51 -9.51 3.43
N PHE B 304 -23.86 -8.75 4.47
CA PHE B 304 -22.79 -8.11 5.28
C PHE B 304 -22.18 -9.15 6.22
N PRO B 305 -22.93 -10.00 6.97
CA PRO B 305 -22.25 -11.09 7.68
C PRO B 305 -21.42 -12.01 6.78
N GLN B 306 -21.95 -12.30 5.58
CA GLN B 306 -21.21 -13.06 4.60
C GLN B 306 -19.82 -12.45 4.36
N ALA B 307 -19.78 -11.13 4.11
CA ALA B 307 -18.55 -10.40 3.78
C ALA B 307 -17.59 -10.49 4.95
N GLU B 308 -18.06 -10.29 6.16
CA GLU B 308 -17.17 -10.41 7.31
C GLU B 308 -16.46 -11.77 7.30
N ASN B 309 -17.23 -12.82 6.97
CA ASN B 309 -16.73 -14.16 7.15
C ASN B 309 -15.65 -14.50 6.13
N ARG B 310 -15.40 -13.67 5.12
CA ARG B 310 -14.16 -13.76 4.35
C ARG B 310 -12.99 -13.85 5.31
N MET B 311 -12.89 -12.90 6.25
CA MET B 311 -11.71 -12.88 7.11
C MET B 311 -11.61 -14.15 7.95
N HIS B 312 -12.74 -14.57 8.54
CA HIS B 312 -12.67 -15.69 9.49
C HIS B 312 -12.36 -16.99 8.74
N ALA B 313 -12.99 -17.20 7.57
CA ALA B 313 -12.70 -18.44 6.84
C ALA B 313 -11.24 -18.44 6.40
N GLN B 314 -10.80 -17.31 5.86
CA GLN B 314 -9.40 -17.23 5.31
C GLN B 314 -8.38 -17.34 6.43
N ASN B 315 -8.77 -16.88 7.70
CA ASN B 315 -7.73 -17.04 8.76
C ASN B 315 -7.48 -18.54 9.04
N ALA B 316 -8.58 -19.33 8.96
CA ALA B 316 -8.51 -20.76 9.25
C ALA B 316 -7.76 -21.41 8.10
N ILE B 317 -8.05 -21.00 6.86
CA ILE B 317 -7.31 -21.54 5.72
C ILE B 317 -5.80 -21.29 5.90
N MET B 318 -5.42 -20.06 6.24
CA MET B 318 -4.00 -19.76 6.29
C MET B 318 -3.33 -20.52 7.44
N LEU B 319 -4.04 -20.66 8.57
CA LEU B 319 -3.57 -21.42 9.71
C LEU B 319 -3.30 -22.86 9.29
N HIS B 320 -4.23 -23.46 8.54
CA HIS B 320 -4.04 -24.81 8.03
C HIS B 320 -2.78 -24.92 7.17
N LEU B 321 -2.67 -24.05 6.16
CA LEU B 321 -1.59 -24.11 5.20
C LEU B 321 -0.25 -23.93 5.87
N LEU B 322 -0.18 -23.20 6.99
CA LEU B 322 1.09 -22.97 7.67
C LEU B 322 1.31 -23.88 8.86
N GLY B 323 0.47 -24.92 8.99
CA GLY B 323 0.73 -26.02 9.88
C GLY B 323 0.10 -25.91 11.27
N PHE B 324 -0.83 -24.98 11.45
CA PHE B 324 -1.57 -24.78 12.71
C PHE B 324 -2.95 -25.45 12.68
N LEU C 21 28.75 9.12 8.09
CA LEU C 21 27.98 9.29 6.84
C LEU C 21 26.51 8.96 7.12
N LYS C 22 25.61 9.90 6.84
CA LYS C 22 24.24 9.75 7.26
C LYS C 22 23.50 8.76 6.35
N ASP C 23 23.86 8.71 5.08
CA ASP C 23 23.01 8.18 4.02
C ASP C 23 23.68 6.99 3.34
N PHE C 24 22.90 6.22 2.53
CA PHE C 24 23.54 5.19 1.73
C PHE C 24 23.19 5.43 0.27
N LEU C 25 23.96 6.30 -0.41
CA LEU C 25 23.61 6.73 -1.75
C LEU C 25 24.44 6.08 -2.85
N ALA C 26 25.66 5.65 -2.49
CA ALA C 26 26.70 5.15 -3.39
C ALA C 26 27.65 4.35 -2.52
N ILE C 27 28.08 3.18 -2.99
CA ILE C 27 28.88 2.34 -2.13
C ILE C 27 30.19 3.01 -1.73
N ASP C 28 30.88 3.72 -2.65
CA ASP C 28 32.17 4.30 -2.35
C ASP C 28 32.04 5.67 -1.68
N ASP C 29 30.86 6.00 -1.12
CA ASP C 29 30.80 7.10 -0.16
C ASP C 29 31.33 6.59 1.19
N PHE C 30 31.46 5.26 1.31
CA PHE C 30 32.06 4.63 2.48
C PHE C 30 33.43 4.07 2.15
N ASP C 31 34.25 3.88 3.20
CA ASP C 31 35.55 3.25 3.04
C ASP C 31 35.46 1.72 3.05
N THR C 32 36.57 1.09 2.68
CA THR C 32 36.66 -0.37 2.57
C THR C 32 36.25 -1.12 3.84
N ALA C 33 36.81 -0.72 4.97
CA ALA C 33 36.50 -1.32 6.26
C ALA C 33 35.00 -1.28 6.58
N THR C 34 34.34 -0.12 6.39
CA THR C 34 32.94 0.02 6.71
C THR C 34 32.12 -0.87 5.80
N ILE C 35 32.42 -0.95 4.50
CA ILE C 35 31.68 -1.80 3.58
C ILE C 35 31.86 -3.27 4.00
N LYS C 36 33.08 -3.66 4.41
CA LYS C 36 33.31 -5.04 4.81
C LYS C 36 32.58 -5.30 6.12
N THR C 37 32.53 -4.35 7.04
CA THR C 37 31.79 -4.55 8.27
C THR C 37 30.30 -4.77 8.00
N ILE C 38 29.75 -3.97 7.10
CA ILE C 38 28.37 -4.09 6.73
C ILE C 38 28.09 -5.49 6.13
N LEU C 39 28.98 -5.98 5.28
CA LEU C 39 28.73 -7.28 4.64
C LEU C 39 28.86 -8.43 5.65
N ASP C 40 29.75 -8.26 6.62
CA ASP C 40 29.88 -9.18 7.75
C ASP C 40 28.57 -9.22 8.54
N LYS C 41 28.05 -8.05 8.91
CA LYS C 41 26.79 -8.01 9.68
C LYS C 41 25.66 -8.62 8.84
N ALA C 42 25.72 -8.43 7.54
CA ALA C 42 24.69 -9.00 6.70
C ALA C 42 24.62 -10.53 6.85
N SER C 43 25.78 -11.18 6.84
CA SER C 43 25.86 -12.61 7.10
C SER C 43 25.31 -13.00 8.47
N GLU C 44 25.68 -12.24 9.53
CA GLU C 44 25.24 -12.54 10.88
C GLU C 44 23.72 -12.48 11.05
N VAL C 45 23.09 -11.43 10.54
CA VAL C 45 21.67 -11.23 10.75
C VAL C 45 20.90 -12.22 9.88
N LYS C 46 21.41 -12.54 8.69
CA LYS C 46 20.84 -13.56 7.82
C LYS C 46 20.82 -14.91 8.56
N ALA C 47 21.92 -15.26 9.20
CA ALA C 47 22.03 -16.50 9.96
C ALA C 47 20.98 -16.50 11.08
N LEU C 48 20.83 -15.35 11.73
CA LEU C 48 19.91 -15.26 12.84
C LEU C 48 18.49 -15.54 12.35
N LEU C 49 18.10 -14.92 11.23
CA LEU C 49 16.77 -15.14 10.71
C LEU C 49 16.61 -16.57 10.20
N LYS C 50 17.63 -17.11 9.55
CA LYS C 50 17.56 -18.47 9.04
CA LYS C 50 17.59 -18.47 9.04
C LYS C 50 17.39 -19.48 10.17
N SER C 51 17.87 -19.15 11.37
CA SER C 51 17.73 -20.01 12.52
C SER C 51 16.29 -20.08 13.00
N GLY C 52 15.43 -19.17 12.53
CA GLY C 52 14.05 -19.08 13.06
C GLY C 52 13.93 -18.07 14.19
N GLU C 53 14.99 -17.32 14.47
CA GLU C 53 14.83 -16.26 15.50
C GLU C 53 13.88 -15.18 15.02
N ARG C 54 12.81 -14.90 15.78
CA ARG C 54 12.01 -13.73 15.46
C ARG C 54 11.94 -12.76 16.63
N ASN C 55 12.88 -12.91 17.56
CA ASN C 55 12.93 -12.09 18.79
C ASN C 55 14.09 -11.08 18.78
N TYR C 56 14.68 -10.83 17.63
CA TYR C 56 15.65 -9.71 17.54
C TYR C 56 14.99 -8.55 16.79
N LEU C 57 14.52 -7.52 17.50
CA LEU C 57 13.65 -6.49 16.94
C LEU C 57 14.18 -5.09 17.22
N PRO C 58 15.38 -4.76 16.66
CA PRO C 58 16.02 -3.48 16.97
C PRO C 58 15.22 -2.30 16.46
N PHE C 59 14.38 -2.48 15.44
CA PHE C 59 13.62 -1.42 14.82
C PHE C 59 12.22 -1.27 15.43
N LYS C 60 12.02 -1.88 16.58
CA LYS C 60 10.75 -1.66 17.31
C LYS C 60 10.52 -0.15 17.47
N GLY C 61 9.33 0.31 17.10
CA GLY C 61 8.98 1.72 17.30
C GLY C 61 9.53 2.67 16.23
N LYS C 62 10.16 2.12 15.20
CA LYS C 62 10.67 2.89 14.08
C LYS C 62 9.82 2.67 12.83
N SER C 63 9.83 3.68 11.98
CA SER C 63 9.12 3.73 10.73
C SER C 63 10.05 4.22 9.61
N MET C 64 9.81 3.71 8.40
CA MET C 64 10.52 4.00 7.18
C MET C 64 9.49 4.36 6.12
N SER C 65 9.56 5.55 5.52
CA SER C 65 8.81 5.83 4.30
C SER C 65 9.61 5.37 3.09
N MET C 66 8.98 4.62 2.20
CA MET C 66 9.59 4.11 0.99
C MET C 66 8.95 4.81 -0.21
N ILE C 67 9.69 5.72 -0.87
CA ILE C 67 9.18 6.49 -1.99
C ILE C 67 9.53 5.77 -3.26
N PHE C 68 8.53 5.30 -4.01
CA PHE C 68 8.76 4.64 -5.27
C PHE C 68 8.16 5.43 -6.42
N ALA C 69 9.04 5.87 -7.34
CA ALA C 69 8.64 6.58 -8.54
C ALA C 69 8.36 5.62 -9.71
N LYS C 70 8.67 4.32 -9.52
CA LYS C 70 8.72 3.30 -10.57
C LYS C 70 8.26 1.97 -9.96
N PRO C 71 7.80 1.01 -10.78
CA PRO C 71 7.44 -0.32 -10.28
C PRO C 71 8.64 -1.00 -9.62
N SER C 72 8.39 -1.94 -8.71
CA SER C 72 9.44 -2.74 -8.05
C SER C 72 8.83 -4.02 -7.47
N MET C 73 9.45 -5.14 -7.61
N MET C 73 9.49 -5.10 -7.60
CA MET C 73 9.22 -6.28 -6.75
CA MET C 73 9.22 -6.26 -6.76
C MET C 73 10.35 -6.47 -5.74
C MET C 73 10.34 -6.49 -5.76
N ARG C 74 11.59 -6.66 -6.25
CA ARG C 74 12.58 -7.06 -5.23
C ARG C 74 12.83 -5.92 -4.24
N THR C 75 13.03 -4.71 -4.75
CA THR C 75 13.38 -3.64 -3.82
C THR C 75 12.24 -3.42 -2.84
N ARG C 76 11.04 -3.35 -3.38
CA ARG C 76 9.85 -3.15 -2.52
C ARG C 76 9.69 -4.23 -1.45
N VAL C 77 9.76 -5.49 -1.87
CA VAL C 77 9.41 -6.54 -0.94
C VAL C 77 10.54 -6.77 0.05
N SER C 78 11.80 -6.70 -0.42
CA SER C 78 12.93 -6.87 0.48
C SER C 78 13.02 -5.80 1.59
N PHE C 79 12.79 -4.56 1.23
CA PHE C 79 12.78 -3.48 2.20
C PHE C 79 11.58 -3.59 3.14
N GLU C 80 10.38 -3.77 2.60
CA GLU C 80 9.21 -3.83 3.46
C GLU C 80 9.24 -5.05 4.39
N THR C 81 9.61 -6.23 3.85
CA THR C 81 9.68 -7.42 4.69
C THR C 81 10.84 -7.38 5.66
N GLY C 82 12.01 -6.91 5.23
CA GLY C 82 13.10 -6.93 6.20
C GLY C 82 12.89 -5.91 7.33
N PHE C 83 12.33 -4.74 7.01
CA PHE C 83 12.05 -3.76 8.06
C PHE C 83 11.06 -4.34 9.06
N PHE C 84 10.07 -5.09 8.58
CA PHE C 84 9.13 -5.80 9.44
C PHE C 84 9.81 -6.85 10.34
N LEU C 85 10.68 -7.66 9.76
CA LEU C 85 11.35 -8.73 10.50
C LEU C 85 12.29 -8.21 11.60
N LEU C 86 12.74 -6.96 11.43
CA LEU C 86 13.53 -6.28 12.45
C LEU C 86 12.69 -5.43 13.38
N GLY C 87 11.36 -5.44 13.25
CA GLY C 87 10.52 -4.82 14.29
C GLY C 87 9.87 -3.50 13.94
N GLY C 88 10.08 -2.98 12.72
CA GLY C 88 9.58 -1.67 12.33
C GLY C 88 8.37 -1.75 11.39
N HIS C 89 7.86 -0.58 10.95
CA HIS C 89 6.87 -0.44 9.91
C HIS C 89 7.36 0.42 8.76
N ALA C 90 7.41 -0.13 7.55
CA ALA C 90 7.67 0.55 6.32
C ALA C 90 6.35 0.89 5.62
N LEU C 91 6.24 2.12 5.14
CA LEU C 91 5.14 2.66 4.38
C LEU C 91 5.48 2.63 2.91
N TYR C 92 4.53 2.17 2.11
CA TYR C 92 4.72 2.14 0.64
C TYR C 92 4.07 3.36 0.02
N LEU C 93 4.92 4.31 -0.41
CA LEU C 93 4.46 5.48 -1.11
C LEU C 93 4.70 5.26 -2.61
N GLY C 94 3.64 4.90 -3.31
CA GLY C 94 3.79 4.57 -4.70
C GLY C 94 3.84 5.81 -5.58
N PRO C 95 4.02 5.60 -6.90
CA PRO C 95 4.28 6.67 -7.85
C PRO C 95 3.25 7.79 -7.85
N ASN C 96 1.97 7.46 -7.62
CA ASN C 96 0.93 8.48 -7.67
C ASN C 96 0.53 8.97 -6.30
N ASP C 97 1.17 8.43 -5.28
CA ASP C 97 0.79 8.73 -3.88
C ASP C 97 1.22 10.13 -3.44
N ILE C 98 2.52 10.42 -3.49
CA ILE C 98 3.02 11.78 -3.17
C ILE C 98 3.58 12.53 -4.39
N GLN C 99 3.95 11.82 -5.46
CA GLN C 99 4.46 12.47 -6.70
C GLN C 99 5.60 13.46 -6.41
N MET C 100 6.71 12.95 -5.89
CA MET C 100 7.80 13.80 -5.47
C MET C 100 8.40 14.39 -6.72
N GLY C 101 8.54 15.73 -6.75
CA GLY C 101 9.10 16.39 -7.90
C GLY C 101 8.04 16.89 -8.87
N LYS C 102 6.77 16.54 -8.66
CA LYS C 102 5.70 16.99 -9.51
C LYS C 102 4.62 17.68 -8.68
N ARG C 103 3.99 16.94 -7.75
CA ARG C 103 3.03 17.56 -6.84
C ARG C 103 3.73 18.47 -5.83
N GLU C 104 5.01 18.20 -5.56
CA GLU C 104 5.67 18.82 -4.42
C GLU C 104 7.18 18.65 -4.57
N GLU C 105 7.95 19.67 -4.18
CA GLU C 105 9.38 19.63 -4.34
C GLU C 105 10.00 18.67 -3.32
N THR C 106 11.09 18.06 -3.75
CA THR C 106 11.85 17.09 -2.97
C THR C 106 12.24 17.68 -1.62
N ARG C 107 12.76 18.93 -1.60
CA ARG C 107 13.18 19.51 -0.32
C ARG C 107 12.03 19.56 0.70
N ASP C 108 10.79 19.73 0.22
CA ASP C 108 9.65 19.75 1.12
C ASP C 108 9.25 18.35 1.58
N VAL C 109 9.24 17.40 0.64
CA VAL C 109 9.01 16.01 1.01
C VAL C 109 10.02 15.56 2.09
N ALA C 110 11.31 15.88 1.87
CA ALA C 110 12.37 15.50 2.79
C ALA C 110 12.08 16.02 4.19
N ARG C 111 11.69 17.30 4.28
CA ARG C 111 11.56 17.94 5.58
C ARG C 111 10.31 17.44 6.27
N VAL C 112 9.25 17.16 5.51
CA VAL C 112 8.10 16.58 6.15
C VAL C 112 8.34 15.13 6.61
N LEU C 113 8.83 14.25 5.73
CA LEU C 113 8.93 12.87 6.15
C LEU C 113 9.93 12.66 7.28
N SER C 114 10.99 13.52 7.32
CA SER C 114 11.97 13.45 8.39
C SER C 114 11.34 13.70 9.76
N ARG C 115 10.26 14.47 9.78
CA ARG C 115 9.57 14.70 11.03
C ARG C 115 8.63 13.54 11.40
N TYR C 116 8.16 12.74 10.44
CA TYR C 116 7.27 11.63 10.77
C TYR C 116 8.02 10.31 11.03
N ASN C 117 9.06 10.04 10.23
CA ASN C 117 9.69 8.75 10.13
C ASN C 117 11.14 8.77 10.59
N ASP C 118 11.74 7.58 10.65
CA ASP C 118 13.12 7.43 11.13
C ASP C 118 14.14 7.25 10.02
N ILE C 119 13.66 6.96 8.81
CA ILE C 119 14.52 6.60 7.70
C ILE C 119 13.67 6.64 6.45
N ILE C 120 14.27 7.06 5.34
CA ILE C 120 13.58 7.13 4.06
C ILE C 120 14.35 6.32 3.04
N MET C 121 13.62 5.49 2.29
CA MET C 121 14.13 4.85 1.10
C MET C 121 13.54 5.54 -0.12
N ALA C 122 14.30 5.71 -1.21
CA ALA C 122 13.77 6.32 -2.41
C ALA C 122 14.35 5.71 -3.67
N ARG C 123 13.40 5.38 -4.58
CA ARG C 123 13.72 4.93 -5.96
C ARG C 123 13.20 6.09 -6.81
N VAL C 124 14.05 6.71 -7.64
CA VAL C 124 13.75 7.94 -8.34
C VAL C 124 14.27 7.78 -9.77
N PHE C 125 14.05 8.85 -10.57
CA PHE C 125 14.65 9.00 -11.87
C PHE C 125 15.97 9.73 -11.69
N ALA C 126 15.99 11.04 -11.85
CA ALA C 126 17.28 11.70 -11.81
C ALA C 126 17.96 11.49 -10.47
N HIS C 127 19.27 11.24 -10.53
CA HIS C 127 20.02 11.00 -9.32
C HIS C 127 19.99 12.23 -8.42
N GLN C 128 19.96 13.44 -9.02
CA GLN C 128 19.93 14.67 -8.24
C GLN C 128 18.72 14.68 -7.30
N ASP C 129 17.60 14.01 -7.66
CA ASP C 129 16.46 13.93 -6.76
C ASP C 129 16.81 13.21 -5.46
N ILE C 130 17.59 12.14 -5.51
CA ILE C 130 17.94 11.48 -4.27
C ILE C 130 19.00 12.27 -3.52
N LEU C 131 19.90 13.00 -4.22
CA LEU C 131 20.81 13.86 -3.49
C LEU C 131 20.08 14.98 -2.74
N ASP C 132 19.08 15.59 -3.39
CA ASP C 132 18.27 16.63 -2.77
C ASP C 132 17.54 16.04 -1.58
N LEU C 133 16.95 14.84 -1.75
CA LEU C 133 16.26 14.20 -0.66
C LEU C 133 17.18 13.99 0.55
N ALA C 134 18.44 13.52 0.31
CA ALA C 134 19.34 13.33 1.43
C ALA C 134 19.76 14.66 2.07
N ASN C 135 20.04 15.67 1.23
CA ASN C 135 20.55 16.94 1.70
CA ASN C 135 20.56 16.95 1.69
C ASN C 135 19.55 17.63 2.62
N TYR C 136 18.24 17.45 2.38
CA TYR C 136 17.23 18.16 3.15
C TYR C 136 16.59 17.27 4.24
N SER C 137 16.94 15.99 4.29
CA SER C 137 16.45 15.09 5.32
CA SER C 137 16.44 15.11 5.32
C SER C 137 17.38 15.05 6.51
N SER C 138 16.83 15.14 7.73
CA SER C 138 17.54 14.98 8.98
C SER C 138 17.66 13.52 9.36
N VAL C 139 16.98 12.61 8.65
CA VAL C 139 17.12 11.18 8.88
C VAL C 139 17.87 10.57 7.73
N PRO C 140 18.40 9.34 7.92
CA PRO C 140 19.09 8.67 6.82
C PRO C 140 18.20 8.39 5.62
N VAL C 141 18.81 8.52 4.45
CA VAL C 141 18.22 8.19 3.18
C VAL C 141 18.97 7.03 2.53
N VAL C 142 18.20 6.02 2.11
CA VAL C 142 18.76 4.86 1.41
CA VAL C 142 18.80 4.89 1.41
C VAL C 142 18.30 4.93 -0.04
N ASN C 143 19.22 4.69 -0.97
CA ASN C 143 18.96 4.65 -2.40
C ASN C 143 18.40 3.27 -2.82
N GLY C 144 17.20 3.27 -3.39
CA GLY C 144 16.53 2.06 -3.90
C GLY C 144 16.52 1.95 -5.43
N LEU C 145 17.43 2.68 -6.08
CA LEU C 145 17.72 2.78 -7.52
C LEU C 145 17.49 4.22 -7.98
N THR C 146 18.42 4.71 -8.80
CA THR C 146 18.23 5.92 -9.56
C THR C 146 18.65 5.69 -11.00
N ASP C 147 18.47 6.70 -11.86
CA ASP C 147 19.00 6.71 -13.21
C ASP C 147 20.53 6.48 -13.19
N HIS C 148 21.20 6.89 -12.10
CA HIS C 148 22.66 6.80 -11.99
C HIS C 148 23.17 5.45 -11.44
N ASN C 149 22.55 4.90 -10.37
CA ASN C 149 23.21 3.75 -9.75
C ASN C 149 22.20 2.90 -9.01
N HIS C 150 22.69 1.88 -8.28
CA HIS C 150 21.79 0.96 -7.57
C HIS C 150 22.64 0.27 -6.52
N PRO C 151 23.09 1.01 -5.49
CA PRO C 151 24.12 0.46 -4.59
C PRO C 151 23.68 -0.73 -3.72
N CYS C 152 22.40 -0.75 -3.32
CA CYS C 152 21.89 -1.86 -2.53
C CYS C 152 21.92 -3.16 -3.33
N GLN C 153 21.73 -3.07 -4.65
CA GLN C 153 21.76 -4.27 -5.45
C GLN C 153 23.18 -4.85 -5.46
N ILE C 154 24.17 -4.00 -5.66
CA ILE C 154 25.53 -4.48 -5.70
C ILE C 154 26.03 -4.96 -4.32
N MET C 155 25.59 -4.32 -3.22
CA MET C 155 25.86 -4.87 -1.91
C MET C 155 25.33 -6.30 -1.73
N ALA C 156 24.11 -6.53 -2.20
CA ALA C 156 23.55 -7.88 -2.18
C ALA C 156 24.36 -8.82 -3.06
N ASP C 157 24.82 -8.31 -4.22
CA ASP C 157 25.56 -9.14 -5.16
C ASP C 157 26.90 -9.53 -4.52
N ALA C 158 27.49 -8.60 -3.75
CA ALA C 158 28.76 -8.85 -3.07
C ALA C 158 28.59 -9.92 -2.00
N LEU C 159 27.48 -9.89 -1.27
CA LEU C 159 27.17 -10.91 -0.30
C LEU C 159 27.04 -12.27 -1.00
N THR C 160 26.36 -12.28 -2.15
CA THR C 160 26.09 -13.50 -2.88
C THR C 160 27.42 -14.07 -3.36
N MET C 161 28.31 -13.17 -3.77
CA MET C 161 29.62 -13.64 -4.24
C MET C 161 30.39 -14.22 -3.06
N ILE C 162 30.36 -13.56 -1.89
CA ILE C 162 31.07 -14.07 -0.73
C ILE C 162 30.60 -15.48 -0.37
N GLU C 163 29.29 -15.72 -0.48
CA GLU C 163 28.73 -17.02 -0.10
C GLU C 163 29.05 -18.10 -1.12
N HIS C 164 29.14 -17.73 -2.42
CA HIS C 164 29.34 -18.76 -3.46
C HIS C 164 30.80 -18.97 -3.79
N ILE C 165 31.56 -17.89 -3.95
CA ILE C 165 32.96 -17.94 -4.33
C ILE C 165 33.88 -17.99 -3.10
N GLY C 166 33.56 -17.19 -2.08
CA GLY C 166 34.34 -17.15 -0.85
C GLY C 166 34.67 -15.71 -0.49
N GLN C 167 34.72 -14.87 -1.51
CA GLN C 167 35.15 -13.49 -1.31
C GLN C 167 34.93 -12.74 -2.61
N VAL C 168 35.03 -11.40 -2.56
CA VAL C 168 34.99 -10.59 -3.76
C VAL C 168 36.40 -10.32 -4.24
N GLU C 169 37.34 -10.09 -3.29
CA GLU C 169 38.73 -9.72 -3.61
C GLU C 169 39.31 -10.69 -4.62
N GLY C 170 39.90 -10.18 -5.69
CA GLY C 170 40.69 -11.00 -6.61
C GLY C 170 39.88 -11.77 -7.65
N THR C 171 38.57 -11.56 -7.67
CA THR C 171 37.67 -12.15 -8.66
C THR C 171 37.70 -11.35 -9.95
N LYS C 172 37.14 -11.94 -10.99
CA LYS C 172 36.88 -11.31 -12.25
C LYS C 172 35.36 -11.31 -12.48
N VAL C 173 34.80 -10.07 -12.54
CA VAL C 173 33.40 -9.85 -12.78
C VAL C 173 33.27 -9.22 -14.16
N VAL C 174 32.49 -9.87 -15.04
CA VAL C 174 32.27 -9.36 -16.37
C VAL C 174 30.79 -9.08 -16.59
N TYR C 175 30.47 -7.79 -16.72
CA TYR C 175 29.13 -7.36 -17.02
C TYR C 175 29.03 -7.28 -18.53
N VAL C 176 27.94 -7.81 -19.08
CA VAL C 176 27.71 -7.76 -20.50
C VAL C 176 26.38 -7.06 -20.76
N GLY C 177 26.42 -5.88 -21.42
CA GLY C 177 25.19 -5.16 -21.69
C GLY C 177 25.42 -3.67 -21.76
N ASP C 178 24.40 -2.93 -21.38
CA ASP C 178 24.41 -1.50 -21.40
C ASP C 178 25.20 -0.97 -20.20
N GLY C 179 26.06 0.02 -20.43
CA GLY C 179 26.84 0.65 -19.35
C GLY C 179 25.91 1.56 -18.59
N ASN C 180 25.19 1.00 -17.64
CA ASN C 180 24.07 1.73 -17.00
C ASN C 180 24.27 1.88 -15.49
N ASN C 181 23.16 1.99 -14.76
CA ASN C 181 23.24 2.15 -13.30
C ASN C 181 23.86 0.94 -12.58
N MET C 182 23.54 -0.28 -13.05
CA MET C 182 24.20 -1.45 -12.48
C MET C 182 25.72 -1.36 -12.66
N VAL C 183 26.20 -0.98 -13.85
CA VAL C 183 27.65 -0.86 -14.09
C VAL C 183 28.23 0.23 -13.20
N HIS C 184 27.50 1.33 -12.99
CA HIS C 184 27.98 2.37 -12.13
C HIS C 184 28.21 1.90 -10.70
N SER C 185 27.29 1.09 -10.14
CA SER C 185 27.47 0.55 -8.80
C SER C 185 28.50 -0.57 -8.69
N TRP C 186 28.72 -1.32 -9.77
CA TRP C 186 29.88 -2.20 -9.83
C TRP C 186 31.20 -1.40 -9.70
N LEU C 187 31.30 -0.27 -10.37
CA LEU C 187 32.48 0.59 -10.32
C LEU C 187 32.63 1.19 -8.91
N GLU C 188 31.48 1.50 -8.28
CA GLU C 188 31.54 1.86 -6.88
C GLU C 188 32.18 0.77 -6.03
N LEU C 189 31.72 -0.48 -6.17
CA LEU C 189 32.32 -1.55 -5.41
C LEU C 189 33.82 -1.66 -5.75
N ALA C 190 34.17 -1.57 -7.04
CA ALA C 190 35.56 -1.74 -7.47
C ALA C 190 36.44 -0.63 -6.94
N SER C 191 35.83 0.44 -6.38
CA SER C 191 36.54 1.51 -5.73
C SER C 191 36.88 1.21 -4.27
N VAL C 192 36.23 0.22 -3.64
CA VAL C 192 36.48 -0.13 -2.26
C VAL C 192 36.92 -1.58 -2.03
N ILE C 193 36.86 -2.45 -3.03
CA ILE C 193 37.36 -3.81 -2.88
C ILE C 193 38.17 -4.08 -4.14
N PRO C 194 39.36 -4.70 -3.98
CA PRO C 194 40.28 -4.95 -5.10
C PRO C 194 39.85 -6.18 -5.88
N PHE C 195 39.30 -5.97 -7.07
CA PHE C 195 38.99 -7.07 -7.98
C PHE C 195 39.15 -6.58 -9.41
N HIS C 196 38.89 -7.50 -10.35
CA HIS C 196 38.96 -7.22 -11.77
C HIS C 196 37.53 -7.13 -12.29
N PHE C 197 37.19 -5.92 -12.75
CA PHE C 197 35.84 -5.63 -13.28
C PHE C 197 35.96 -5.26 -14.76
N VAL C 198 35.20 -5.95 -15.62
CA VAL C 198 35.14 -5.65 -17.04
C VAL C 198 33.67 -5.34 -17.40
N CYS C 199 33.45 -4.28 -18.20
CA CYS C 199 32.18 -3.93 -18.79
C CYS C 199 32.32 -4.13 -20.31
N ALA C 200 31.68 -5.18 -20.83
CA ALA C 200 31.57 -5.42 -22.26
C ALA C 200 30.24 -4.87 -22.77
N CYS C 201 30.32 -3.69 -23.43
CA CYS C 201 29.17 -2.88 -23.80
C CYS C 201 29.29 -2.49 -25.25
N PRO C 202 28.19 -2.23 -25.97
CA PRO C 202 28.26 -1.68 -27.33
C PRO C 202 28.93 -0.31 -27.34
N LYS C 203 29.62 0.03 -28.44
CA LYS C 203 30.16 1.37 -28.62
C LYS C 203 29.03 2.40 -28.52
N GLY C 204 29.25 3.43 -27.70
CA GLY C 204 28.29 4.50 -27.52
C GLY C 204 27.35 4.24 -26.35
N TYR C 205 27.41 3.00 -25.80
CA TYR C 205 26.67 2.58 -24.60
C TYR C 205 27.62 2.30 -23.44
N GLU C 206 28.70 3.07 -23.37
CA GLU C 206 29.66 2.91 -22.30
C GLU C 206 29.12 3.52 -21.03
N PRO C 207 29.59 3.07 -19.84
CA PRO C 207 29.28 3.78 -18.61
C PRO C 207 29.92 5.18 -18.58
N ASP C 208 29.43 5.98 -17.64
CA ASP C 208 29.83 7.37 -17.54
C ASP C 208 31.36 7.41 -17.35
N LYS C 209 32.01 8.22 -18.17
CA LYS C 209 33.45 8.39 -18.09
C LYS C 209 33.92 8.79 -16.69
N GLU C 210 33.23 9.77 -16.09
CA GLU C 210 33.56 10.22 -14.75
C GLU C 210 33.53 9.09 -13.72
N ARG C 211 32.58 8.17 -13.83
CA ARG C 211 32.42 7.07 -12.87
C ARG C 211 33.53 6.03 -13.07
N VAL C 212 33.92 5.82 -14.31
CA VAL C 212 35.06 4.92 -14.60
C VAL C 212 36.32 5.51 -13.99
N SER C 213 36.57 6.76 -14.32
CA SER C 213 37.72 7.46 -13.81
C SER C 213 37.77 7.48 -12.28
N LYS C 214 36.63 7.68 -11.62
CA LYS C 214 36.64 7.66 -10.15
C LYS C 214 37.03 6.28 -9.59
N ALA C 215 36.63 5.19 -10.23
CA ALA C 215 37.05 3.87 -9.79
C ALA C 215 38.54 3.67 -9.97
N LYS C 216 39.11 4.10 -11.11
CA LYS C 216 40.54 3.98 -11.37
C LYS C 216 41.33 4.84 -10.36
N GLN C 217 40.80 6.01 -10.03
CA GLN C 217 41.51 6.86 -9.05
C GLN C 217 41.74 6.11 -7.74
N ALA C 218 40.76 5.30 -7.31
CA ALA C 218 40.84 4.59 -6.04
C ALA C 218 42.01 3.61 -6.04
N GLY C 219 42.37 3.07 -7.22
CA GLY C 219 43.63 2.38 -7.41
C GLY C 219 43.63 0.95 -6.87
N LEU C 220 42.42 0.38 -6.63
CA LEU C 220 42.35 -0.93 -6.02
C LEU C 220 42.16 -2.00 -7.09
N SER C 221 41.33 -1.70 -8.12
CA SER C 221 40.86 -2.73 -9.04
C SER C 221 41.39 -2.51 -10.45
N LYS C 222 41.47 -3.58 -11.22
CA LYS C 222 41.69 -3.49 -12.66
C LYS C 222 40.31 -3.29 -13.32
N ILE C 223 40.17 -2.22 -14.09
CA ILE C 223 38.89 -1.86 -14.66
C ILE C 223 39.07 -1.73 -16.16
N GLU C 224 38.23 -2.46 -16.92
CA GLU C 224 38.30 -2.43 -18.38
C GLU C 224 36.89 -2.24 -18.95
N ILE C 225 36.83 -1.37 -19.96
CA ILE C 225 35.67 -1.16 -20.81
C ILE C 225 36.03 -1.68 -22.20
N THR C 226 35.27 -2.61 -22.72
CA THR C 226 35.53 -3.28 -23.99
C THR C 226 34.23 -3.39 -24.77
N ASN C 227 34.34 -3.66 -26.07
CA ASN C 227 33.18 -3.93 -26.92
C ASN C 227 33.13 -5.39 -27.40
N ASP C 228 33.91 -6.30 -26.79
CA ASP C 228 34.09 -7.64 -27.32
C ASP C 228 33.71 -8.63 -26.22
N PRO C 229 32.42 -8.99 -26.07
CA PRO C 229 32.01 -9.82 -24.94
C PRO C 229 32.61 -11.23 -24.99
N LYS C 230 32.82 -11.77 -26.18
CA LYS C 230 33.29 -13.15 -26.30
C LYS C 230 34.70 -13.25 -25.70
N GLU C 231 35.54 -12.25 -25.88
CA GLU C 231 36.85 -12.25 -25.24
C GLU C 231 36.77 -11.85 -23.77
N ALA C 232 35.84 -10.96 -23.39
CA ALA C 232 35.86 -10.42 -22.05
C ALA C 232 35.51 -11.47 -20.98
N VAL C 233 34.59 -12.39 -21.32
CA VAL C 233 34.05 -13.34 -20.35
C VAL C 233 35.09 -14.39 -19.98
N ILE C 234 36.17 -14.55 -20.74
CA ILE C 234 37.07 -15.66 -20.47
C ILE C 234 37.68 -15.62 -19.07
N GLY C 235 37.44 -16.70 -18.29
CA GLY C 235 38.01 -16.82 -16.95
C GLY C 235 37.19 -16.09 -15.87
N ALA C 236 35.97 -15.68 -16.21
CA ALA C 236 35.17 -14.95 -15.24
C ALA C 236 34.79 -15.82 -14.06
N ASP C 237 34.64 -15.17 -12.90
CA ASP C 237 33.95 -15.75 -11.77
C ASP C 237 32.45 -15.45 -11.89
N VAL C 238 32.12 -14.25 -12.44
CA VAL C 238 30.73 -13.80 -12.60
C VAL C 238 30.55 -13.24 -14.01
N VAL C 239 29.49 -13.68 -14.69
CA VAL C 239 28.97 -13.04 -15.88
C VAL C 239 27.63 -12.39 -15.48
N TYR C 240 27.53 -11.06 -15.61
CA TYR C 240 26.39 -10.31 -15.05
C TYR C 240 25.60 -9.70 -16.19
N SER C 241 24.26 -9.70 -16.08
CA SER C 241 23.48 -8.95 -17.09
C SER C 241 22.33 -8.17 -16.42
N ASP C 242 21.66 -7.40 -17.26
CA ASP C 242 20.48 -6.65 -16.81
C ASP C 242 19.68 -6.30 -18.06
N VAL C 243 18.43 -5.87 -17.90
CA VAL C 243 17.65 -5.40 -19.02
C VAL C 243 18.28 -4.16 -19.64
N TRP C 244 18.30 -4.13 -20.97
CA TRP C 244 18.95 -3.09 -21.75
C TRP C 244 18.17 -1.76 -21.72
N ALA C 253 14.22 2.64 -29.62
CA ALA C 253 13.95 1.23 -29.25
C ALA C 253 14.50 0.27 -30.31
N GLU C 254 14.19 0.56 -31.57
CA GLU C 254 14.60 -0.29 -32.67
C GLU C 254 16.10 -0.14 -32.91
N ALA C 255 16.59 1.10 -33.05
CA ALA C 255 18.00 1.35 -33.33
C ALA C 255 18.91 0.75 -32.25
N ARG C 256 18.43 0.76 -31.00
CA ARG C 256 19.15 0.23 -29.86
C ARG C 256 19.24 -1.29 -30.00
N ARG C 257 18.18 -1.93 -30.49
CA ARG C 257 18.21 -3.36 -30.79
C ARG C 257 19.39 -3.68 -31.73
N LYS C 258 19.62 -2.84 -32.72
CA LYS C 258 20.66 -3.11 -33.70
C LYS C 258 22.04 -3.15 -33.05
N ALA C 259 22.28 -2.21 -32.11
CA ALA C 259 23.61 -2.03 -31.58
C ALA C 259 23.98 -3.14 -30.60
N PHE C 260 22.96 -3.78 -30.00
CA PHE C 260 23.21 -4.79 -28.94
C PHE C 260 23.32 -6.20 -29.54
N GLN C 261 23.41 -6.26 -30.86
CA GLN C 261 23.64 -7.58 -31.51
C GLN C 261 25.01 -8.09 -31.06
N GLY C 262 25.05 -9.28 -30.46
CA GLY C 262 26.29 -9.87 -29.94
C GLY C 262 26.42 -9.76 -28.44
N PHE C 263 25.48 -9.06 -27.79
CA PHE C 263 25.60 -8.81 -26.35
C PHE C 263 24.67 -9.71 -25.54
N GLN C 264 23.98 -10.62 -26.18
CA GLN C 264 23.10 -11.46 -25.39
C GLN C 264 23.95 -12.47 -24.63
N VAL C 265 23.60 -12.73 -23.34
CA VAL C 265 24.23 -13.85 -22.64
C VAL C 265 23.47 -15.13 -22.96
N ASP C 266 24.11 -16.01 -23.71
CA ASP C 266 23.57 -17.30 -24.07
C ASP C 266 24.50 -18.41 -23.58
N GLU C 267 24.06 -19.66 -23.79
CA GLU C 267 24.81 -20.78 -23.23
C GLU C 267 26.19 -20.81 -23.85
N ALA C 268 26.30 -20.40 -25.12
CA ALA C 268 27.60 -20.39 -25.77
C ALA C 268 28.55 -19.39 -25.09
N LEU C 269 28.04 -18.24 -24.65
CA LEU C 269 28.89 -17.28 -23.95
C LEU C 269 29.37 -17.83 -22.61
N MET C 270 28.46 -18.47 -21.87
CA MET C 270 28.80 -19.06 -20.59
C MET C 270 29.83 -20.17 -20.75
N LYS C 271 29.78 -20.90 -21.86
CA LYS C 271 30.83 -21.90 -22.14
C LYS C 271 32.20 -21.23 -22.35
N LEU C 272 32.19 -20.09 -23.06
CA LEU C 272 33.42 -19.33 -23.24
C LEU C 272 33.96 -18.82 -21.90
N ALA C 273 33.07 -18.40 -20.99
CA ALA C 273 33.46 -17.82 -19.70
C ALA C 273 34.21 -18.88 -18.88
N GLY C 274 33.74 -20.14 -19.01
CA GLY C 274 34.37 -21.28 -18.39
C GLY C 274 33.67 -21.78 -17.14
N GLN C 275 34.20 -22.87 -16.58
CA GLN C 275 33.52 -23.66 -15.51
C GLN C 275 33.43 -22.98 -14.15
N LYS C 276 34.18 -21.90 -13.96
CA LYS C 276 34.23 -21.19 -12.70
C LYS C 276 33.12 -20.15 -12.67
N ALA C 277 32.54 -19.83 -13.84
CA ALA C 277 31.62 -18.69 -13.97
C ALA C 277 30.22 -18.96 -13.41
N TYR C 278 29.79 -18.12 -12.50
CA TYR C 278 28.39 -18.02 -12.13
C TYR C 278 27.71 -17.03 -13.06
N PHE C 279 26.39 -17.20 -13.24
CA PHE C 279 25.60 -16.17 -13.91
C PHE C 279 24.81 -15.41 -12.86
N MET C 280 24.75 -14.08 -12.98
CA MET C 280 24.04 -13.19 -12.09
C MET C 280 23.30 -12.16 -12.94
N HIS C 281 22.08 -11.81 -12.50
CA HIS C 281 21.28 -10.80 -13.16
C HIS C 281 20.43 -10.19 -12.08
N CYS C 282 20.35 -8.86 -12.03
CA CYS C 282 19.63 -8.23 -10.93
C CYS C 282 18.12 -8.43 -10.99
N LEU C 283 17.64 -8.75 -12.19
CA LEU C 283 16.23 -9.06 -12.50
C LEU C 283 15.44 -7.76 -12.49
N PRO C 284 14.22 -7.68 -13.08
CA PRO C 284 13.60 -8.74 -13.88
C PRO C 284 14.39 -9.04 -15.15
N ALA C 285 14.36 -10.31 -15.57
CA ALA C 285 14.96 -10.81 -16.80
C ALA C 285 13.92 -10.89 -17.92
N GLU C 286 14.34 -10.44 -19.11
CA GLU C 286 13.58 -10.63 -20.32
C GLU C 286 14.29 -11.68 -21.17
N ARG C 287 13.91 -12.94 -20.97
CA ARG C 287 14.45 -14.01 -21.77
C ARG C 287 14.16 -13.81 -23.25
N GLY C 288 15.22 -14.10 -24.02
CA GLY C 288 15.25 -13.84 -25.45
C GLY C 288 15.78 -12.44 -25.78
N VAL C 289 16.01 -11.59 -24.78
CA VAL C 289 16.57 -10.28 -25.07
C VAL C 289 18.02 -10.30 -24.59
N GLU C 290 18.29 -9.87 -23.36
CA GLU C 290 19.65 -9.76 -22.88
C GLU C 290 20.19 -11.12 -22.42
N VAL C 291 19.31 -12.11 -22.22
CA VAL C 291 19.73 -13.41 -21.72
C VAL C 291 18.81 -14.46 -22.30
N THR C 292 19.25 -15.72 -22.37
CA THR C 292 18.38 -16.80 -22.82
C THR C 292 17.78 -17.50 -21.60
N ASN C 293 16.68 -18.23 -21.83
CA ASN C 293 16.07 -19.07 -20.81
C ASN C 293 17.09 -20.06 -20.27
N GLY C 294 17.86 -20.66 -21.17
CA GLY C 294 18.76 -21.70 -20.74
C GLY C 294 19.81 -21.23 -19.76
N VAL C 295 20.28 -19.99 -19.92
CA VAL C 295 21.24 -19.43 -18.98
C VAL C 295 20.56 -19.15 -17.64
N VAL C 296 19.38 -18.51 -17.66
CA VAL C 296 18.73 -18.13 -16.43
C VAL C 296 18.46 -19.36 -15.55
N GLU C 297 18.13 -20.52 -16.17
CA GLU C 297 17.72 -21.72 -15.47
C GLU C 297 18.88 -22.70 -15.25
N ALA C 298 20.09 -22.39 -15.75
CA ALA C 298 21.25 -23.28 -15.69
C ALA C 298 21.71 -23.49 -14.26
N PRO C 299 22.40 -24.61 -13.95
CA PRO C 299 22.97 -24.80 -12.61
C PRO C 299 23.92 -23.71 -12.12
N TYR C 300 24.60 -22.97 -13.02
CA TYR C 300 25.54 -21.92 -12.63
C TYR C 300 24.85 -20.57 -12.39
N SER C 301 23.56 -20.51 -12.71
CA SER C 301 22.75 -19.31 -12.46
C SER C 301 22.38 -19.20 -10.99
N ILE C 302 22.66 -18.08 -10.35
CA ILE C 302 22.35 -17.89 -8.93
C ILE C 302 21.42 -16.69 -8.74
N VAL C 303 20.57 -16.46 -9.73
CA VAL C 303 19.72 -15.29 -9.73
C VAL C 303 18.75 -15.25 -8.55
N PHE C 304 18.26 -16.40 -8.07
CA PHE C 304 17.28 -16.37 -7.03
C PHE C 304 17.96 -16.17 -5.68
N PRO C 305 19.06 -16.88 -5.34
CA PRO C 305 19.76 -16.53 -4.10
C PRO C 305 20.20 -15.06 -4.09
N GLN C 306 20.71 -14.59 -5.24
CA GLN C 306 21.03 -13.20 -5.43
C GLN C 306 19.87 -12.29 -4.97
N ALA C 307 18.67 -12.50 -5.53
CA ALA C 307 17.53 -11.68 -5.20
C ALA C 307 17.25 -11.74 -3.70
N GLU C 308 17.25 -12.93 -3.09
CA GLU C 308 17.01 -12.99 -1.66
C GLU C 308 17.96 -12.05 -0.90
N ASN C 309 19.21 -11.98 -1.35
CA ASN C 309 20.19 -11.27 -0.58
C ASN C 309 19.99 -9.75 -0.64
N ARG C 310 19.04 -9.29 -1.42
CA ARG C 310 18.66 -7.86 -1.35
C ARG C 310 18.19 -7.61 0.10
N MET C 311 17.38 -8.54 0.65
CA MET C 311 16.87 -8.27 2.00
C MET C 311 18.01 -8.28 3.03
N HIS C 312 18.91 -9.26 2.94
CA HIS C 312 19.91 -9.44 3.98
C HIS C 312 20.95 -8.31 3.92
N ALA C 313 21.37 -7.90 2.72
CA ALA C 313 22.33 -6.81 2.64
C ALA C 313 21.67 -5.53 3.17
N GLN C 314 20.43 -5.30 2.72
CA GLN C 314 19.77 -4.01 3.07
C GLN C 314 19.49 -3.95 4.58
N ASN C 315 19.17 -5.08 5.21
CA ASN C 315 18.96 -5.08 6.67
C ASN C 315 20.22 -4.55 7.35
N ALA C 316 21.37 -5.04 6.90
CA ALA C 316 22.63 -4.61 7.53
C ALA C 316 22.93 -3.15 7.26
N ILE C 317 22.64 -2.71 6.04
CA ILE C 317 22.79 -1.28 5.68
C ILE C 317 21.93 -0.40 6.60
N MET C 318 20.65 -0.78 6.79
CA MET C 318 19.74 0.02 7.60
C MET C 318 20.17 -0.01 9.07
N LEU C 319 20.60 -1.17 9.59
CA LEU C 319 21.14 -1.26 10.93
C LEU C 319 22.33 -0.30 11.06
N HIS C 320 23.25 -0.28 10.08
CA HIS C 320 24.40 0.62 10.19
C HIS C 320 23.97 2.07 10.25
N LEU C 321 23.08 2.46 9.34
CA LEU C 321 22.66 3.85 9.25
C LEU C 321 21.98 4.30 10.51
N LEU C 322 21.22 3.42 11.17
CA LEU C 322 20.49 3.75 12.38
C LEU C 322 21.29 3.47 13.64
N GLY C 323 22.62 3.30 13.53
CA GLY C 323 23.50 3.25 14.69
C GLY C 323 23.61 1.88 15.39
N PHE C 324 23.23 0.81 14.72
CA PHE C 324 23.39 -0.55 15.24
C PHE C 324 24.59 -1.32 14.67
N CP D . -2.14 19.17 3.93
C CP D . -2.50 18.00 3.46
O CP D . -3.51 17.40 3.82
O4P CP D . -1.56 17.54 2.62
P CP D . -1.79 16.11 1.80
O1P CP D . -2.69 16.42 0.71
O2P CP D . -0.37 15.92 1.26
O3P CP D . -2.22 15.03 2.79
C1 EDO E . -21.50 24.50 6.13
O1 EDO E . -22.03 24.92 7.40
C2 EDO E . -22.23 25.03 4.98
O2 EDO E . -21.71 24.86 3.68
C1 PGE F . 6.57 36.42 17.57
O1 PGE F . 5.71 37.45 18.05
C2 PGE F . 6.38 36.13 16.11
O2 PGE F . 7.62 35.66 15.58
C3 PGE F . 7.64 35.48 14.18
C4 PGE F . 9.06 35.17 13.81
O4 PGE F . 11.83 35.91 14.44
C6 PGE F . 11.69 34.67 15.12
C5 PGE F . 10.85 33.69 14.35
O3 PGE F . 9.47 34.00 14.52
C1 EDO G . -26.11 13.78 7.37
O1 EDO G . -25.41 13.15 8.44
C2 EDO G . -26.40 12.83 6.26
O2 EDO G . -26.67 13.41 5.01
C1 EDO H . 3.90 29.91 25.30
O1 EDO H . 3.75 28.72 26.04
C2 EDO H . 4.73 29.78 24.09
O2 EDO H . 5.23 31.04 23.66
C1 PEG I . 8.10 23.51 19.39
O1 PEG I . 7.48 23.54 18.11
C2 PEG I . 7.45 24.43 20.39
O2 PEG I . 7.78 25.79 20.11
C3 PEG I . 8.17 26.55 21.25
C4 PEG I . 9.39 27.34 20.95
O4 PEG I . 9.35 27.88 19.65
C1 EDO J . -22.16 20.25 4.75
O1 EDO J . -21.81 21.62 4.83
C2 EDO J . -22.38 19.76 3.35
O2 EDO J . -21.63 20.48 2.38
S SO4 K . 2.58 -3.74 10.80
O1 SO4 K . 2.25 -3.30 9.55
O2 SO4 K . 3.19 -5.05 10.69
O3 SO4 K . 1.36 -3.82 11.60
O4 SO4 K . 3.49 -2.82 11.42
S SO4 L . 9.67 37.78 -2.30
O1 SO4 L . 9.18 39.03 -2.81
O2 SO4 L . 9.86 36.86 -3.41
O3 SO4 L . 10.94 37.95 -1.64
O4 SO4 L . 8.74 37.27 -1.31
S SO4 M . -24.66 -4.60 8.85
O1 SO4 M . -25.49 -4.51 7.69
O2 SO4 M . -23.28 -4.72 8.46
O3 SO4 M . -24.82 -3.41 9.64
O4 SO4 M . -25.02 -5.75 9.62
C1 EDO N . -23.74 -12.19 12.66
O1 EDO N . -24.93 -12.25 11.87
C2 EDO N . -23.22 -10.81 12.80
O2 EDO N . -24.07 -9.84 12.22
NA NA O . -14.36 0.47 17.07
N CP P . -16.23 -10.71 -3.02
C CP P . -15.02 -10.24 -3.32
O CP P . -14.03 -10.94 -3.54
O4P CP P . -15.00 -8.88 -3.25
P CP P . -13.71 -7.98 -3.75
O1P CP P . -13.69 -8.00 -5.16
O2P CP P . -12.48 -8.54 -3.04
O3P CP P . -14.07 -6.58 -3.24
C1 PEG Q . -35.65 -18.72 8.02
O1 PEG Q . -34.57 -19.22 7.27
C2 PEG Q . -35.78 -17.25 7.90
O2 PEG Q . -34.89 -16.77 6.90
C3 PEG Q . -35.09 -15.40 6.57
C4 PEG Q . -34.49 -14.51 7.64
O4 PEG Q . -35.42 -13.57 8.14
C1 EDO R . -29.07 -30.36 -15.29
O1 EDO R . -30.32 -31.03 -15.44
C2 EDO R . -28.02 -31.21 -14.66
O2 EDO R . -26.69 -30.84 -14.95
C1 PEG S . -38.47 -30.79 -8.48
O1 PEG S . -38.51 -29.47 -8.96
C2 PEG S . -38.59 -30.86 -7.00
O2 PEG S . -37.54 -31.67 -6.48
C3 PEG S . -36.33 -30.96 -6.28
C4 PEG S . -36.25 -30.48 -4.86
O4 PEG S . -36.24 -29.08 -4.79
S SO4 T . 15.10 -21.30 -6.19
O1 SO4 T . 14.58 -20.07 -5.59
O2 SO4 T . 14.83 -21.34 -7.59
O3 SO4 T . 16.53 -21.42 -5.96
O4 SO4 T . 14.47 -22.45 -5.60
S SO4 U . 5.45 -7.83 22.65
O1 SO4 U . 4.22 -7.79 23.37
O2 SO4 U . 5.27 -7.24 21.36
O3 SO4 U . 5.88 -9.20 22.49
O4 SO4 U . 6.46 -7.11 23.38
S SO4 V . 20.32 -20.74 -1.05
O1 SO4 V . 20.26 -19.30 -1.14
O2 SO4 V . 19.64 -21.35 -2.18
O3 SO4 V . 19.68 -21.16 0.17
O4 SO4 V . 21.71 -21.16 -1.04
S SO4 W . -38.21 -5.02 -6.15
O1 SO4 W . -37.40 -3.87 -6.46
O2 SO4 W . -38.92 -5.41 -7.35
O3 SO4 W . -37.40 -6.14 -5.65
O4 SO4 W . -39.14 -4.67 -5.13
S SO4 X . -6.55 -21.80 19.19
O1 SO4 X . -6.70 -21.47 17.80
O2 SO4 X . -7.82 -22.21 19.71
O3 SO4 X . -5.59 -22.87 19.32
O4 SO4 X . -6.07 -20.66 19.92
C1 EDO Y . -29.94 -21.65 13.66
O1 EDO Y . -31.07 -22.51 13.76
C2 EDO Y . -28.67 -22.36 13.36
O2 EDO Y . -27.69 -22.21 14.37
C1 EDO Z . 12.05 28.45 -5.44
O1 EDO Z . 11.07 28.96 -6.34
C2 EDO Z . 13.36 29.14 -5.41
O2 EDO Z . 14.30 28.46 -4.62
N CP AA . 16.61 -5.69 -9.09
C CP AA . 15.67 -4.84 -8.76
O CP AA . 15.91 -3.81 -8.18
O4P CP AA . 14.38 -5.26 -9.00
P CP AA . 13.05 -4.37 -8.79
O1P CP AA . 13.02 -3.36 -9.85
O2P CP AA . 13.10 -3.90 -7.33
O3P CP AA . 11.95 -5.40 -9.02
C1 PGE BA . 27.49 -26.21 -12.80
O1 PGE BA . 27.05 -25.90 -14.15
C2 PGE BA . 26.99 -25.19 -11.79
O2 PGE BA . 28.02 -24.76 -10.90
C3 PGE BA . 28.68 -23.55 -11.28
C4 PGE BA . 30.12 -23.64 -10.88
O4 PGE BA . 32.68 -24.38 -9.25
C6 PGE BA . 32.79 -23.12 -9.88
C5 PGE BA . 31.60 -22.26 -9.66
O3 PGE BA . 30.67 -22.34 -10.74
C1 EDO CA . 32.14 -21.14 0.03
O1 EDO CA . 32.14 -20.70 1.37
C2 EDO CA . 33.34 -20.67 -0.68
O2 EDO CA . 33.69 -21.53 -1.76
C1 PEG DA . 22.85 -9.24 15.89
O1 PEG DA . 23.12 -10.51 15.34
C2 PEG DA . 22.19 -9.34 17.22
O2 PEG DA . 23.06 -9.97 18.15
C3 PEG DA . 22.83 -11.37 18.33
C4 PEG DA . 24.10 -12.02 18.80
O4 PEG DA . 24.48 -11.56 20.07
C1 EDO EA . 0.77 2.39 -5.22
O1 EDO EA . 0.07 2.35 -6.44
C2 EDO EA . 0.09 3.14 -4.13
O2 EDO EA . 0.52 2.95 -2.76
C1 EDO FA . 38.25 2.29 -20.61
O1 EDO FA . 38.08 3.48 -19.82
C2 EDO FA . 39.09 1.19 -20.00
O2 EDO FA . 39.24 0.05 -20.87
C1 EDO GA . 5.69 12.37 -10.39
O1 EDO GA . 6.48 12.34 -9.22
C2 EDO GA . 6.52 12.76 -11.56
O2 EDO GA . 6.07 12.18 -12.76
S SO4 HA . 12.67 21.52 9.33
O1 SO4 HA . 12.62 22.44 8.25
O2 SO4 HA . 11.73 20.44 9.13
O3 SO4 HA . 12.37 22.15 10.59
O4 SO4 HA . 14.01 20.98 9.37
S SO4 IA . 20.77 -20.85 -25.67
O1 SO4 IA . 19.35 -20.62 -25.69
O2 SO4 IA . 21.35 -20.36 -26.91
O3 SO4 IA . 21.38 -20.20 -24.53
O4 SO4 IA . 21.02 -22.26 -25.58
C1 EDO JA . -3.14 5.27 -7.00
O1 EDO JA . -2.77 5.07 -8.35
C2 EDO JA . -2.04 5.79 -6.15
O2 EDO JA . -2.21 5.46 -4.79
#